data_7XGG
#
_entry.id   7XGG
#
_cell.length_a   60.612
_cell.length_b   68.539
_cell.length_c   80.517
_cell.angle_alpha   100.890
_cell.angle_beta   110.570
_cell.angle_gamma   108.730
#
_symmetry.space_group_name_H-M   'P 1'
#
loop_
_entity.id
_entity.type
_entity.pdbx_description
1 polymer 'Bcl-2-like protein 1'
2 polymer 'BCL-xL and MCL-1 dual inhibitor'
3 water water
#
loop_
_entity_poly.entity_id
_entity_poly.type
_entity_poly.pdbx_seq_one_letter_code
_entity_poly.pdbx_strand_id
1 'polypeptide(L)'
;GH(MSE)(MSE)SQSNRELVVDFLSYKLSQKGYSWSQFSDVEENRTEAPEGTESEAVKQALREAGDEFELRYRRAFSDLT
SQLHITPGTAYQSFEQVVNELFRDGVNWGRIVAFFSFGGALCVESVDKE(MSE)QVLVSRIAAW(MSE)ATYLNDHLEPW
IQENGGWDTFVELYGNNAAAESRKGQER
;
B,F,C,E
2 'polypeptide(L)'
;(MSE)DAKKVAKKAADQAANRIRELAQVLVELLKEALKLDLTQE(MSE)RKKLIERYAAAIIRAIGDINNAIYQAKQEAE
KLKKAGLVDSDQLDALLRALDELQKVASKAANQLGRLFEEALKRLDKDNGGEEEKDRTAKWFEFEARAIAIALTLAAIGD
VFDLEKEWRKLK
;
A,D
#
# COMPACT_ATOMS: atom_id res chain seq x y z
N GLN A 6 -11.29 15.91 18.70
CA GLN A 6 -10.79 16.27 20.03
C GLN A 6 -9.71 15.30 20.53
N SER A 7 -9.77 13.99 20.18
CA SER A 7 -8.71 13.11 20.60
C SER A 7 -7.37 13.55 20.03
N ASN A 8 -7.33 13.97 18.75
CA ASN A 8 -6.04 14.40 18.22
C ASN A 8 -5.57 15.71 18.86
N ARG A 9 -6.50 16.64 19.11
CA ARG A 9 -6.17 17.85 19.87
C ARG A 9 -5.60 17.52 21.23
N GLU A 10 -6.24 16.56 21.92
CA GLU A 10 -5.76 16.18 23.24
C GLU A 10 -4.38 15.51 23.19
N LEU A 11 -4.07 14.70 22.13
CA LEU A 11 -2.70 14.20 22.01
C LEU A 11 -1.69 15.31 21.86
N VAL A 12 -1.99 16.29 21.00
CA VAL A 12 -1.06 17.42 20.79
C VAL A 12 -0.82 18.14 22.11
N VAL A 13 -1.91 18.44 22.82
CA VAL A 13 -1.73 19.20 24.07
C VAL A 13 -0.93 18.39 25.08
N ASP A 14 -1.22 17.09 25.22
CA ASP A 14 -0.48 16.28 26.19
C ASP A 14 1.01 16.25 25.89
N PHE A 15 1.35 16.03 24.60
CA PHE A 15 2.75 15.92 24.19
C PHE A 15 3.47 17.25 24.39
N LEU A 16 2.87 18.33 23.93
CA LEU A 16 3.52 19.63 24.11
C LEU A 16 3.68 19.97 25.59
N SER A 17 2.66 19.65 26.40
CA SER A 17 2.73 19.95 27.81
C SER A 17 3.91 19.23 28.46
N TYR A 18 4.12 17.97 28.06
CA TYR A 18 5.24 17.17 28.55
C TYR A 18 6.60 17.74 28.09
N LYS A 19 6.74 18.06 26.80
CA LYS A 19 8.02 18.55 26.29
C LYS A 19 8.36 19.91 26.85
N LEU A 20 7.35 20.77 26.98
CA LEU A 20 7.59 22.06 27.60
C LEU A 20 8.01 21.90 29.05
N SER A 21 7.32 21.02 29.79
CA SER A 21 7.70 20.74 31.18
C SER A 21 9.14 20.25 31.30
N GLN A 22 9.58 19.37 30.39
CA GLN A 22 10.97 18.89 30.44
C GLN A 22 12.00 20.00 30.22
N LYS A 23 11.64 21.06 29.49
CA LYS A 23 12.53 22.18 29.23
C LYS A 23 12.33 23.33 30.20
N GLY A 24 11.54 23.14 31.27
CA GLY A 24 11.41 24.13 32.31
C GLY A 24 10.17 25.00 32.31
N TYR A 25 9.20 24.72 31.45
CA TYR A 25 8.03 25.57 31.29
C TYR A 25 6.72 24.84 31.58
N SER A 26 5.70 25.57 32.01
CA SER A 26 4.37 25.01 32.26
C SER A 26 3.45 25.39 31.12
N TRP A 27 2.84 24.38 30.46
CA TRP A 27 1.83 24.61 29.43
C TRP A 27 0.73 25.56 29.93
N SER A 28 0.38 25.47 31.23
CA SER A 28 -0.62 26.38 31.80
C SER A 28 -0.24 27.85 31.63
N GLN A 29 1.08 28.18 31.55
CA GLN A 29 1.48 29.57 31.31
C GLN A 29 0.99 30.08 29.95
N PHE A 30 0.89 29.20 28.93
CA PHE A 30 0.73 29.65 27.55
C PHE A 30 -0.63 29.33 26.94
N SER A 31 -1.53 28.71 27.68
CA SER A 31 -2.89 28.51 27.16
C SER A 31 -3.93 28.68 28.25
N GLU A 42 -10.95 3.85 26.80
CA GLU A 42 -10.86 5.15 26.14
C GLU A 42 -10.12 6.20 26.94
N GLY A 43 -10.60 6.52 28.15
CA GLY A 43 -9.80 7.37 29.03
C GLY A 43 -8.45 6.76 29.29
N THR A 44 -8.44 5.44 29.55
CA THR A 44 -7.22 4.66 29.71
C THR A 44 -6.62 4.29 28.37
N GLU A 45 -7.44 4.09 27.32
CA GLU A 45 -6.82 3.91 26.00
C GLU A 45 -6.09 5.19 25.59
N SER A 46 -6.71 6.36 25.81
CA SER A 46 -5.99 7.60 25.52
C SER A 46 -4.72 7.75 26.35
N GLU A 47 -4.72 7.38 27.65
CA GLU A 47 -3.44 7.42 28.37
C GLU A 47 -2.38 6.56 27.78
N ALA A 48 -2.74 5.36 27.32
CA ALA A 48 -1.72 4.51 26.72
C ALA A 48 -1.12 5.16 25.47
N VAL A 49 -1.97 5.77 24.63
CA VAL A 49 -1.43 6.44 23.43
C VAL A 49 -0.57 7.63 23.84
N LYS A 50 -1.01 8.41 24.82
CA LYS A 50 -0.24 9.59 25.24
C LYS A 50 1.11 9.19 25.80
N GLN A 51 1.13 8.16 26.67
CA GLN A 51 2.38 7.68 27.27
C GLN A 51 3.34 7.11 26.21
N ALA A 52 2.83 6.32 25.28
CA ALA A 52 3.69 5.76 24.22
C ALA A 52 4.30 6.89 23.41
N LEU A 53 3.48 7.88 23.07
CA LEU A 53 4.00 9.00 22.27
C LEU A 53 5.04 9.82 23.05
N ARG A 54 4.80 10.04 24.34
CA ARG A 54 5.81 10.72 25.16
C ARG A 54 7.13 9.94 25.15
N GLU A 55 7.06 8.60 25.34
CA GLU A 55 8.27 7.78 25.35
C GLU A 55 8.94 7.75 23.99
N ALA A 56 8.15 7.63 22.92
CA ALA A 56 8.73 7.67 21.59
C ALA A 56 9.40 9.03 21.30
N GLY A 57 8.75 10.14 21.67
CA GLY A 57 9.38 11.43 21.46
C GLY A 57 10.66 11.56 22.25
N ASP A 58 10.67 11.07 23.50
CA ASP A 58 11.93 11.06 24.27
C ASP A 58 13.01 10.30 23.53
N GLU A 59 12.68 9.10 23.02
CA GLU A 59 13.71 8.33 22.33
C GLU A 59 14.11 9.03 21.04
N PHE A 60 13.13 9.58 20.31
CA PHE A 60 13.45 10.31 19.08
C PHE A 60 14.43 11.45 19.34
N GLU A 61 14.19 12.21 20.41
CA GLU A 61 15.02 13.37 20.73
C GLU A 61 16.41 12.95 21.18
N LEU A 62 16.53 11.82 21.88
CA LEU A 62 17.85 11.28 22.21
C LEU A 62 18.63 10.95 20.93
N ARG A 63 17.99 10.24 20.00
CA ARG A 63 18.66 9.89 18.75
C ARG A 63 19.02 11.11 17.96
N TYR A 64 18.10 12.08 17.88
CA TYR A 64 18.38 13.33 17.17
C TYR A 64 19.64 14.03 17.75
N ARG A 65 19.67 14.23 19.08
CA ARG A 65 20.81 14.91 19.70
C ARG A 65 22.11 14.15 19.48
N ARG A 66 22.08 12.79 19.56
CA ARG A 66 23.32 12.05 19.34
C ARG A 66 23.84 12.20 17.91
N ALA A 67 22.96 12.29 16.92
CA ALA A 67 23.40 12.41 15.53
C ALA A 67 23.71 13.85 15.12
N PHE A 68 22.90 14.81 15.54
CA PHE A 68 22.88 16.16 14.99
C PHE A 68 23.01 17.26 16.01
N SER A 69 23.07 16.93 17.30
CA SER A 69 23.16 17.83 18.45
C SER A 69 21.84 18.57 18.61
N ASP A 70 21.87 19.83 19.05
CA ASP A 70 20.67 20.55 19.48
C ASP A 70 19.67 20.81 18.36
N LEU A 71 18.40 20.53 18.62
CA LEU A 71 17.32 20.81 17.64
C LEU A 71 16.69 22.18 17.83
N THR A 72 16.32 22.57 19.07
CA THR A 72 15.57 23.82 19.21
C THR A 72 16.32 25.04 18.69
N SER A 73 17.61 25.16 19.02
CA SER A 73 18.34 26.36 18.60
C SER A 73 18.55 26.47 17.08
N GLN A 74 18.28 25.40 16.33
CA GLN A 74 18.46 25.42 14.88
C GLN A 74 17.19 25.80 14.17
N LEU A 75 16.10 26.04 14.91
CA LEU A 75 14.80 26.34 14.33
C LEU A 75 14.65 27.85 14.19
N HIS A 76 14.57 28.31 12.95
CA HIS A 76 14.28 29.69 12.65
C HIS A 76 12.79 29.92 12.91
N ILE A 77 12.48 30.94 13.70
CA ILE A 77 11.08 31.27 13.95
C ILE A 77 10.95 32.70 14.45
N THR A 78 10.07 33.45 13.83
CA THR A 78 9.59 34.72 14.34
C THR A 78 8.09 34.65 14.21
N PRO A 79 7.35 35.58 14.83
CA PRO A 79 5.89 35.51 14.69
C PRO A 79 5.44 35.66 13.23
N GLY A 80 6.11 36.53 12.47
CA GLY A 80 5.76 36.71 11.08
C GLY A 80 6.04 35.51 10.19
N THR A 81 7.05 34.70 10.51
CA THR A 81 7.40 33.54 9.69
C THR A 81 7.00 32.20 10.31
N ALA A 82 6.31 32.19 11.45
CA ALA A 82 6.09 30.95 12.19
C ALA A 82 5.27 29.95 11.39
N TYR A 83 4.21 30.41 10.72
CA TYR A 83 3.41 29.46 9.93
C TYR A 83 4.27 28.78 8.86
N GLN A 84 5.12 29.54 8.19
CA GLN A 84 6.03 28.96 7.18
C GLN A 84 7.08 28.05 7.82
N SER A 85 7.60 28.41 9.00
CA SER A 85 8.54 27.51 9.65
C SER A 85 7.88 26.15 9.88
N PHE A 86 6.66 26.15 10.38
CA PHE A 86 5.97 24.90 10.61
C PHE A 86 5.64 24.20 9.29
N GLU A 87 4.99 24.92 8.38
CA GLU A 87 4.47 24.31 7.16
C GLU A 87 5.57 23.76 6.28
N GLN A 88 6.65 24.53 6.09
CA GLN A 88 7.67 24.13 5.13
C GLN A 88 8.36 22.87 5.60
N VAL A 89 8.63 22.77 6.90
CA VAL A 89 9.27 21.56 7.42
C VAL A 89 8.33 20.36 7.31
N VAL A 90 7.10 20.53 7.82
CA VAL A 90 6.17 19.41 7.84
C VAL A 90 5.87 18.92 6.43
N ASN A 91 5.65 19.85 5.49
CA ASN A 91 5.39 19.41 4.12
C ASN A 91 6.57 18.62 3.54
N GLU A 92 7.81 19.02 3.84
CA GLU A 92 8.98 18.29 3.34
C GLU A 92 9.12 16.94 4.03
N LEU A 93 8.88 16.90 5.34
CA LEU A 93 8.94 15.64 6.10
C LEU A 93 8.03 14.57 5.49
N PHE A 94 6.80 14.94 5.13
CA PHE A 94 5.83 13.94 4.63
C PHE A 94 5.69 13.96 3.12
N ARG A 95 6.58 14.66 2.43
CA ARG A 95 6.46 14.82 1.00
C ARG A 95 6.25 13.48 0.27
N ASP A 96 7.04 12.46 0.60
CA ASP A 96 6.92 11.25 -0.22
C ASP A 96 6.26 10.09 0.54
N GLY A 97 5.82 10.30 1.77
CA GLY A 97 5.03 9.27 2.42
C GLY A 97 5.02 9.47 3.92
N VAL A 98 4.38 8.52 4.59
CA VAL A 98 4.14 8.57 6.04
C VAL A 98 4.61 7.24 6.62
N ASN A 99 5.26 7.29 7.80
CA ASN A 99 5.41 6.13 8.68
C ASN A 99 5.35 6.61 10.13
N TRP A 100 5.29 5.67 11.10
CA TRP A 100 5.11 6.07 12.49
C TRP A 100 6.30 6.89 12.96
N GLY A 101 7.49 6.55 12.45
CA GLY A 101 8.68 7.27 12.90
C GLY A 101 8.64 8.74 12.48
N ARG A 102 8.17 9.01 11.27
CA ARG A 102 7.98 10.39 10.80
C ARG A 102 6.85 11.10 11.56
N ILE A 103 5.81 10.38 11.98
CA ILE A 103 4.81 11.00 12.85
C ILE A 103 5.41 11.37 14.20
N VAL A 104 6.27 10.50 14.76
CA VAL A 104 6.97 10.87 16.00
C VAL A 104 7.83 12.12 15.75
N ALA A 105 8.50 12.15 14.61
CA ALA A 105 9.34 13.30 14.26
C ALA A 105 8.53 14.60 14.21
N PHE A 106 7.31 14.51 13.69
CA PHE A 106 6.40 15.64 13.60
C PHE A 106 6.03 16.18 14.96
N PHE A 107 5.68 15.31 15.88
CA PHE A 107 5.45 15.75 17.24
C PHE A 107 6.69 16.38 17.86
N SER A 108 7.82 15.68 17.76
CA SER A 108 9.06 16.22 18.35
C SER A 108 9.43 17.56 17.77
N PHE A 109 9.30 17.72 16.43
CA PHE A 109 9.54 19.00 15.79
C PHE A 109 8.62 20.08 16.36
N GLY A 110 7.33 19.80 16.43
CA GLY A 110 6.40 20.75 17.01
C GLY A 110 6.77 21.13 18.44
N GLY A 111 7.18 20.15 19.25
CA GLY A 111 7.59 20.45 20.63
C GLY A 111 8.82 21.34 20.66
N ALA A 112 9.80 21.04 19.79
CA ALA A 112 10.99 21.89 19.74
C ALA A 112 10.64 23.30 19.26
N LEU A 113 9.73 23.43 18.29
CA LEU A 113 9.38 24.78 17.83
C LEU A 113 8.71 25.58 18.95
N CYS A 114 7.89 24.91 19.77
CA CYS A 114 7.26 25.60 20.89
C CYS A 114 8.31 26.00 21.93
N VAL A 115 9.25 25.10 22.27
CA VAL A 115 10.26 25.48 23.25
C VAL A 115 11.10 26.66 22.76
N GLU A 116 11.54 26.59 21.50
CA GLU A 116 12.33 27.69 20.93
C GLU A 116 11.55 29.00 20.96
N SER A 117 10.23 28.94 20.67
CA SER A 117 9.41 30.15 20.72
C SER A 117 9.40 30.73 22.14
N VAL A 118 9.16 29.88 23.14
CA VAL A 118 9.17 30.39 24.52
C VAL A 118 10.56 30.92 24.89
N ASP A 119 11.63 30.20 24.49
CA ASP A 119 13.00 30.65 24.81
C ASP A 119 13.29 32.04 24.26
N LYS A 120 12.60 32.43 23.17
CA LYS A 120 12.82 33.74 22.56
C LYS A 120 11.72 34.74 22.92
N GLU A 121 10.94 34.47 23.98
CA GLU A 121 9.88 35.37 24.45
C GLU A 121 8.81 35.56 23.38
N GLN A 123 6.01 33.48 23.48
CA GLN A 123 5.03 32.57 24.12
C GLN A 123 3.71 32.52 23.36
N VAL A 124 3.33 33.61 22.69
CA VAL A 124 2.06 33.62 21.98
C VAL A 124 2.02 32.53 20.90
N LEU A 125 3.17 32.08 20.40
CA LEU A 125 3.16 31.09 19.34
C LEU A 125 2.85 29.66 19.81
N VAL A 126 2.89 29.36 21.12
CA VAL A 126 2.72 27.95 21.54
C VAL A 126 1.33 27.44 21.19
N SER A 127 0.30 28.21 21.57
CA SER A 127 -1.08 27.80 21.25
C SER A 127 -1.33 27.74 19.75
N ARG A 128 -0.74 28.68 18.98
CA ARG A 128 -0.87 28.67 17.52
C ARG A 128 -0.28 27.42 16.94
N ILE A 129 0.94 27.10 17.35
CA ILE A 129 1.59 25.89 16.84
C ILE A 129 0.80 24.63 17.20
N ALA A 130 0.31 24.54 18.44
CA ALA A 130 -0.54 23.39 18.82
C ALA A 130 -1.76 23.27 17.90
N ALA A 131 -2.42 24.40 17.60
CA ALA A 131 -3.56 24.37 16.70
C ALA A 131 -3.14 23.91 15.31
N TRP A 132 -2.04 24.46 14.79
CA TRP A 132 -1.55 24.03 13.47
C TRP A 132 -1.24 22.54 13.44
N ALA A 134 -2.65 20.17 15.39
CA ALA A 134 -3.88 19.41 15.44
C ALA A 134 -4.56 19.41 14.09
N THR A 135 -4.54 20.55 13.42
CA THR A 135 -5.14 20.64 12.09
C THR A 135 -4.42 19.74 11.09
N TYR A 136 -3.08 19.74 11.10
CA TYR A 136 -2.34 18.86 10.17
C TYR A 136 -2.58 17.37 10.48
N LEU A 137 -2.55 16.99 11.75
CA LEU A 137 -2.95 15.61 12.13
C LEU A 137 -4.32 15.24 11.61
N ASN A 138 -5.32 16.10 11.87
CA ASN A 138 -6.68 15.73 11.52
C ASN A 138 -6.93 15.71 10.02
N ASP A 139 -6.31 16.62 9.30
CA ASP A 139 -6.58 16.75 7.89
C ASP A 139 -5.65 15.93 7.02
N HIS A 140 -4.40 15.71 7.41
CA HIS A 140 -3.45 15.08 6.51
C HIS A 140 -2.83 13.79 7.03
N LEU A 141 -2.88 13.51 8.32
CA LEU A 141 -2.32 12.26 8.80
C LEU A 141 -3.38 11.26 9.26
N GLU A 142 -4.52 11.74 9.71
CA GLU A 142 -5.52 10.78 10.22
C GLU A 142 -5.89 9.69 9.22
N PRO A 143 -5.99 9.95 7.91
CA PRO A 143 -6.30 8.84 6.97
C PRO A 143 -5.28 7.72 7.04
N TRP A 144 -3.99 8.05 6.99
CA TRP A 144 -2.94 7.05 7.11
C TRP A 144 -2.99 6.36 8.48
N ILE A 145 -3.18 7.13 9.54
CA ILE A 145 -3.20 6.56 10.90
C ILE A 145 -4.29 5.51 11.03
N GLN A 146 -5.51 5.87 10.62
CA GLN A 146 -6.61 4.91 10.70
C GLN A 146 -6.40 3.72 9.78
N GLU A 147 -5.85 3.95 8.60
CA GLU A 147 -5.62 2.83 7.69
C GLU A 147 -4.61 1.83 8.25
N ASN A 148 -3.66 2.29 9.06
CA ASN A 148 -2.58 1.47 9.61
C ASN A 148 -2.84 1.00 11.03
N GLY A 149 -4.11 0.91 11.42
CA GLY A 149 -4.51 0.29 12.67
C GLY A 149 -4.78 1.27 13.78
N GLY A 150 -4.72 2.57 13.50
CA GLY A 150 -5.06 3.57 14.50
C GLY A 150 -3.93 3.70 15.49
N TRP A 151 -4.10 4.63 16.41
CA TRP A 151 -3.05 4.84 17.41
C TRP A 151 -2.79 3.63 18.30
N ASP A 152 -3.75 2.73 18.44
CA ASP A 152 -3.47 1.52 19.20
C ASP A 152 -2.37 0.69 18.57
N THR A 153 -2.28 0.66 17.24
CA THR A 153 -1.18 -0.05 16.60
C THR A 153 0.17 0.63 16.88
N PHE A 154 0.17 1.95 16.90
CA PHE A 154 1.37 2.67 17.32
C PHE A 154 1.82 2.24 18.73
N VAL A 155 0.88 2.18 19.69
CA VAL A 155 1.22 1.70 21.03
C VAL A 155 1.83 0.30 20.98
N GLU A 156 1.20 -0.61 20.21
CA GLU A 156 1.68 -1.99 20.12
C GLU A 156 3.14 -2.01 19.65
N LEU A 157 3.46 -1.16 18.68
CA LEU A 157 4.77 -1.14 18.03
C LEU A 157 5.82 -0.33 18.78
N TYR A 158 5.44 0.79 19.38
CA TYR A 158 6.37 1.72 20.01
C TYR A 158 6.29 1.75 21.53
N GLY A 159 5.19 1.31 22.14
CA GLY A 159 5.07 1.47 23.59
C GLY A 159 6.00 0.50 24.30
N ASN A 160 6.56 0.95 25.43
CA ASN A 160 7.52 0.10 26.15
C ASN A 160 6.80 -0.85 27.09
N ASP B 2 26.24 -3.99 14.09
CA ASP B 2 25.16 -4.78 13.51
C ASP B 2 24.36 -3.99 12.51
N ALA B 3 23.18 -4.53 12.20
CA ALA B 3 22.27 -3.92 11.23
C ALA B 3 21.82 -2.53 11.66
N LYS B 4 21.56 -2.34 12.96
CA LYS B 4 21.10 -1.04 13.40
C LYS B 4 22.18 0.01 13.17
N LYS B 5 23.46 -0.33 13.41
CA LYS B 5 24.51 0.66 13.13
C LYS B 5 24.64 0.93 11.64
N VAL B 6 24.44 -0.08 10.79
CA VAL B 6 24.48 0.12 9.34
C VAL B 6 23.48 1.19 8.92
N ALA B 7 22.25 1.08 9.39
CA ALA B 7 21.22 2.02 8.94
C ALA B 7 21.45 3.39 9.54
N LYS B 8 21.82 3.43 10.81
CA LYS B 8 22.08 4.72 11.48
C LYS B 8 23.20 5.47 10.79
N LYS B 9 24.30 4.78 10.53
CA LYS B 9 25.44 5.44 9.91
C LYS B 9 25.06 6.00 8.55
N ALA B 10 24.32 5.21 7.77
CA ALA B 10 23.97 5.68 6.43
C ALA B 10 23.09 6.91 6.52
N ALA B 11 22.07 6.86 7.37
CA ALA B 11 21.17 7.99 7.56
C ALA B 11 21.92 9.23 8.03
N ASP B 12 22.77 9.06 9.05
CA ASP B 12 23.51 10.21 9.57
C ASP B 12 24.41 10.82 8.49
N GLN B 13 25.12 9.98 7.74
CA GLN B 13 26.00 10.53 6.71
C GLN B 13 25.19 11.30 5.70
N ALA B 14 24.12 10.70 5.19
CA ALA B 14 23.37 11.33 4.11
C ALA B 14 22.77 12.64 4.57
N ALA B 15 22.17 12.65 5.78
CA ALA B 15 21.62 13.88 6.32
C ALA B 15 22.71 14.93 6.54
N ASN B 16 23.87 14.52 7.07
CA ASN B 16 24.97 15.49 7.26
C ASN B 16 25.48 16.07 5.93
N ARG B 17 25.53 15.28 4.85
CA ARG B 17 25.92 15.84 3.55
C ARG B 17 24.93 16.93 3.08
N ILE B 18 23.64 16.73 3.33
CA ILE B 18 22.63 17.77 2.99
C ILE B 18 22.75 19.01 3.89
N ARG B 19 22.95 18.83 5.18
CA ARG B 19 23.17 19.98 6.05
C ARG B 19 24.37 20.77 5.56
N GLU B 20 25.43 20.08 5.15
CA GLU B 20 26.64 20.77 4.70
C GLU B 20 26.41 21.48 3.36
N LEU B 21 25.73 20.83 2.44
CA LEU B 21 25.36 21.46 1.19
C LEU B 21 24.54 22.72 1.41
N ALA B 22 23.51 22.65 2.27
CA ALA B 22 22.70 23.81 2.56
C ALA B 22 23.56 24.97 3.06
N GLN B 23 24.51 24.68 3.93
CA GLN B 23 25.39 25.70 4.48
C GLN B 23 26.29 26.30 3.40
N VAL B 24 26.88 25.45 2.56
CA VAL B 24 27.74 25.94 1.47
C VAL B 24 26.95 26.85 0.55
N LEU B 25 25.72 26.46 0.21
CA LEU B 25 24.94 27.27 -0.72
C LEU B 25 24.57 28.61 -0.12
N VAL B 26 24.21 28.63 1.17
CA VAL B 26 23.91 29.90 1.81
C VAL B 26 25.14 30.82 1.77
N GLU B 27 26.32 30.26 2.07
CA GLU B 27 27.53 31.08 2.04
C GLU B 27 27.82 31.60 0.63
N LEU B 28 27.63 30.77 -0.38
CA LEU B 28 27.83 31.22 -1.76
C LEU B 28 26.82 32.29 -2.14
N LEU B 29 25.57 32.17 -1.68
CA LEU B 29 24.59 33.21 -1.99
C LEU B 29 24.96 34.54 -1.34
N LYS B 30 25.53 34.51 -0.13
CA LYS B 30 25.98 35.73 0.52
C LYS B 30 27.09 36.38 -0.29
N GLU B 31 28.03 35.58 -0.81
CA GLU B 31 29.12 36.15 -1.60
C GLU B 31 28.58 36.80 -2.85
N ALA B 32 27.58 36.16 -3.47
CA ALA B 32 26.92 36.71 -4.63
C ALA B 32 26.25 38.04 -4.33
N LEU B 33 25.97 38.32 -3.06
CA LEU B 33 25.40 39.60 -2.68
C LEU B 33 26.43 40.72 -2.69
N LYS B 34 27.72 40.41 -2.68
CA LYS B 34 28.74 41.44 -2.73
C LYS B 34 28.58 42.26 -4.01
N LEU B 35 28.76 43.54 -3.85
CA LEU B 35 28.23 44.52 -4.77
C LEU B 35 29.31 45.13 -5.64
N ASP B 36 30.57 44.74 -5.41
CA ASP B 36 31.66 44.91 -6.36
C ASP B 36 32.14 43.53 -6.79
N LEU B 37 31.20 42.67 -7.16
CA LEU B 37 31.54 41.30 -7.58
C LEU B 37 31.98 41.34 -9.05
N THR B 38 33.20 40.89 -9.32
CA THR B 38 33.65 40.82 -10.70
C THR B 38 33.03 39.63 -11.41
N GLN B 39 33.17 39.60 -12.73
CA GLN B 39 32.59 38.46 -13.39
C GLN B 39 33.46 37.24 -13.11
N GLU B 40 34.55 37.44 -12.34
CA GLU B 40 35.71 36.68 -12.69
C GLU B 40 35.47 35.54 -11.68
N ARG B 42 32.04 35.71 -10.21
CA ARG B 42 30.72 35.15 -10.52
C ARG B 42 30.86 33.79 -11.20
N LYS B 43 31.77 33.69 -12.16
CA LYS B 43 32.04 32.39 -12.79
C LYS B 43 32.55 31.40 -11.75
N LYS B 44 33.47 31.83 -10.88
CA LYS B 44 33.92 30.91 -9.84
C LYS B 44 32.81 30.57 -8.86
N LEU B 45 31.87 31.49 -8.59
CA LEU B 45 30.78 31.12 -7.70
C LEU B 45 29.92 30.01 -8.32
N ILE B 46 29.61 30.11 -9.61
CA ILE B 46 28.83 29.06 -10.28
C ILE B 46 29.58 27.73 -10.25
N GLU B 47 30.89 27.76 -10.52
CA GLU B 47 31.68 26.54 -10.47
C GLU B 47 31.64 25.92 -9.08
N ARG B 48 31.71 26.72 -8.03
CA ARG B 48 31.64 26.16 -6.67
C ARG B 48 30.26 25.61 -6.34
N TYR B 49 29.21 26.33 -6.71
CA TYR B 49 27.88 25.74 -6.75
C TYR B 49 27.74 24.39 -7.41
N ALA B 50 28.19 24.27 -8.65
CA ALA B 50 28.11 22.98 -9.34
C ALA B 50 28.91 21.92 -8.62
N ALA B 51 30.13 22.23 -8.22
CA ALA B 51 30.92 21.23 -7.48
C ALA B 51 30.25 20.85 -6.15
N ALA B 52 29.64 21.80 -5.43
CA ALA B 52 28.98 21.45 -4.16
C ALA B 52 27.84 20.46 -4.36
N ILE B 53 27.03 20.68 -5.41
CA ILE B 53 25.92 19.78 -5.73
C ILE B 53 26.46 18.41 -6.06
N ILE B 54 27.46 18.36 -6.95
CA ILE B 54 28.02 17.08 -7.41
C ILE B 54 28.72 16.33 -6.26
N ARG B 55 29.46 17.06 -5.41
CA ARG B 55 30.08 16.48 -4.22
C ARG B 55 29.04 15.87 -3.26
N ALA B 56 27.96 16.61 -3.02
CA ALA B 56 26.95 16.16 -2.09
C ALA B 56 26.30 14.87 -2.57
N ILE B 57 25.92 14.82 -3.84
CA ILE B 57 25.31 13.62 -4.38
C ILE B 57 26.30 12.46 -4.51
N GLY B 58 27.56 12.73 -4.87
CA GLY B 58 28.56 11.67 -4.80
C GLY B 58 28.75 11.12 -3.39
N ASP B 59 28.77 12.00 -2.39
CA ASP B 59 29.02 11.54 -1.01
C ASP B 59 27.81 10.82 -0.45
N ILE B 60 26.61 11.27 -0.81
CA ILE B 60 25.40 10.56 -0.42
C ILE B 60 25.44 9.16 -1.02
N ASN B 61 25.79 9.07 -2.31
CA ASN B 61 25.83 7.75 -2.92
C ASN B 61 26.94 6.90 -2.28
N ASN B 62 28.09 7.49 -1.95
CA ASN B 62 29.15 6.71 -1.30
C ASN B 62 28.61 6.07 -0.01
N ALA B 63 27.90 6.83 0.80
CA ALA B 63 27.39 6.29 2.08
C ALA B 63 26.41 5.15 1.80
N ILE B 64 25.53 5.33 0.80
CA ILE B 64 24.54 4.30 0.49
C ILE B 64 25.21 3.03 -0.01
N TYR B 65 26.22 3.14 -0.90
CA TYR B 65 26.85 1.93 -1.42
C TYR B 65 27.59 1.18 -0.33
N GLN B 66 28.29 1.90 0.56
CA GLN B 66 28.95 1.22 1.67
C GLN B 66 27.93 0.51 2.55
N ALA B 67 26.80 1.16 2.78
CA ALA B 67 25.78 0.58 3.67
C ALA B 67 25.17 -0.67 3.07
N LYS B 68 24.90 -0.67 1.76
CA LYS B 68 24.38 -1.88 1.13
C LYS B 68 25.42 -3.01 1.17
N GLN B 69 26.71 -2.69 0.98
CA GLN B 69 27.72 -3.76 1.13
C GLN B 69 27.79 -4.29 2.56
N GLU B 70 27.67 -3.42 3.54
CA GLU B 70 27.64 -3.91 4.93
C GLU B 70 26.41 -4.76 5.17
N ALA B 71 25.28 -4.37 4.56
CA ALA B 71 24.04 -5.14 4.71
C ALA B 71 24.21 -6.54 4.15
N GLU B 72 24.84 -6.65 2.97
CA GLU B 72 25.00 -7.99 2.39
C GLU B 72 26.00 -8.83 3.18
N LYS B 73 27.03 -8.19 3.75
CA LYS B 73 27.97 -8.95 4.59
C LYS B 73 27.26 -9.52 5.81
N LEU B 74 26.29 -8.77 6.33
CA LEU B 74 25.53 -9.26 7.49
C LEU B 74 24.66 -10.43 7.12
N LYS B 75 24.06 -10.38 5.92
CA LYS B 75 23.29 -11.52 5.43
C LYS B 75 24.17 -12.75 5.31
N LYS B 76 25.39 -12.59 4.82
CA LYS B 76 26.26 -13.76 4.63
C LYS B 76 26.73 -14.34 5.95
N ALA B 77 27.12 -13.47 6.90
CA ALA B 77 27.53 -13.92 8.21
C ALA B 77 26.36 -14.43 9.03
N GLY B 78 25.14 -14.39 8.49
CA GLY B 78 23.99 -14.88 9.21
C GLY B 78 23.57 -14.02 10.38
N LEU B 79 23.92 -12.75 10.38
CA LEU B 79 23.46 -11.86 11.43
C LEU B 79 22.13 -11.19 11.10
N VAL B 80 21.58 -11.47 9.92
CA VAL B 80 20.26 -10.99 9.52
C VAL B 80 19.67 -12.03 8.59
N ASP B 81 18.36 -12.24 8.69
CA ASP B 81 17.68 -13.12 7.76
C ASP B 81 17.28 -12.36 6.51
N SER B 82 16.53 -13.04 5.66
CA SER B 82 16.19 -12.49 4.35
C SER B 82 15.19 -11.34 4.48
N ASP B 83 14.19 -11.47 5.37
CA ASP B 83 13.19 -10.41 5.49
C ASP B 83 13.75 -9.16 6.15
N GLN B 84 14.63 -9.32 7.14
CA GLN B 84 15.28 -8.17 7.75
C GLN B 84 16.21 -7.47 6.76
N LEU B 85 16.92 -8.25 5.94
CA LEU B 85 17.81 -7.63 4.96
C LEU B 85 16.99 -6.83 3.94
N ASP B 86 15.84 -7.38 3.54
CA ASP B 86 14.92 -6.69 2.63
C ASP B 86 14.43 -5.39 3.21
N ALA B 87 14.07 -5.39 4.49
CA ALA B 87 13.62 -4.14 5.11
C ALA B 87 14.75 -3.11 5.12
N LEU B 88 15.97 -3.54 5.45
CA LEU B 88 17.12 -2.63 5.48
C LEU B 88 17.44 -2.08 4.08
N LEU B 89 17.41 -2.93 3.05
CA LEU B 89 17.72 -2.44 1.71
C LEU B 89 16.66 -1.46 1.22
N ARG B 90 15.37 -1.72 1.51
CA ARG B 90 14.33 -0.75 1.15
C ARG B 90 14.50 0.57 1.88
N ALA B 91 14.87 0.51 3.18
CA ALA B 91 15.11 1.74 3.94
C ALA B 91 16.26 2.53 3.31
N LEU B 92 17.32 1.84 2.87
CA LEU B 92 18.46 2.52 2.27
C LEU B 92 18.10 3.15 0.92
N ASP B 93 17.32 2.43 0.11
CA ASP B 93 16.80 3.01 -1.11
C ASP B 93 15.94 4.25 -0.83
N GLU B 94 15.13 4.20 0.25
CA GLU B 94 14.31 5.35 0.60
C GLU B 94 15.18 6.51 1.04
N LEU B 95 16.21 6.22 1.82
CA LEU B 95 17.16 7.25 2.21
C LEU B 95 17.80 7.91 0.98
N GLN B 96 18.29 7.09 0.04
CA GLN B 96 18.89 7.66 -1.17
C GLN B 96 17.89 8.55 -1.92
N LYS B 97 16.63 8.11 -2.02
CA LYS B 97 15.62 8.88 -2.71
C LYS B 97 15.36 10.22 -2.03
N VAL B 98 15.20 10.25 -0.70
CA VAL B 98 14.87 11.52 -0.05
C VAL B 98 16.08 12.45 0.00
N ALA B 99 17.28 11.89 0.19
CA ALA B 99 18.44 12.79 0.26
C ALA B 99 18.76 13.33 -1.13
N SER B 100 18.56 12.52 -2.17
CA SER B 100 18.83 13.03 -3.52
C SER B 100 17.77 14.07 -3.91
N LYS B 101 16.52 13.86 -3.53
CA LYS B 101 15.53 14.92 -3.72
C LYS B 101 15.92 16.22 -3.00
N ALA B 102 16.38 16.12 -1.73
CA ALA B 102 16.76 17.33 -1.00
C ALA B 102 17.89 18.09 -1.72
N ALA B 103 18.88 17.37 -2.25
CA ALA B 103 19.98 18.01 -2.97
C ALA B 103 19.48 18.72 -4.22
N ASN B 104 18.61 18.08 -5.01
CA ASN B 104 18.05 18.74 -6.21
C ASN B 104 17.22 19.96 -5.83
N GLN B 105 16.38 19.86 -4.79
CA GLN B 105 15.61 21.02 -4.34
C GLN B 105 16.51 22.16 -3.89
N LEU B 106 17.57 21.87 -3.12
CA LEU B 106 18.47 22.94 -2.70
C LEU B 106 19.12 23.59 -3.91
N GLY B 107 19.55 22.80 -4.90
CA GLY B 107 20.15 23.37 -6.09
C GLY B 107 19.18 24.25 -6.85
N ARG B 108 17.92 23.81 -6.97
CA ARG B 108 16.91 24.59 -7.71
C ARG B 108 16.62 25.88 -6.98
N LEU B 109 16.57 25.84 -5.63
CA LEU B 109 16.27 27.07 -4.89
C LEU B 109 17.43 28.05 -4.97
N PHE B 110 18.66 27.55 -4.95
CA PHE B 110 19.82 28.42 -5.19
C PHE B 110 19.75 29.10 -6.58
N GLU B 111 19.43 28.33 -7.61
CA GLU B 111 19.33 28.87 -8.98
C GLU B 111 18.24 29.93 -9.08
N GLU B 112 17.11 29.70 -8.42
CA GLU B 112 16.05 30.71 -8.35
C GLU B 112 16.47 31.93 -7.56
N ALA B 113 17.14 31.73 -6.43
CA ALA B 113 17.67 32.88 -5.70
C ALA B 113 18.58 33.75 -6.58
N LEU B 114 19.51 33.12 -7.31
CA LEU B 114 20.46 33.88 -8.10
C LEU B 114 19.71 34.68 -9.11
N LYS B 115 18.65 34.08 -9.64
CA LYS B 115 17.95 34.78 -10.69
C LYS B 115 17.24 35.98 -10.10
N ARG B 116 16.53 35.78 -8.99
CA ARG B 116 15.85 36.89 -8.33
C ARG B 116 16.84 37.99 -7.98
N LEU B 117 18.06 37.63 -7.59
CA LEU B 117 19.08 38.64 -7.33
C LEU B 117 19.45 39.41 -8.61
N ASP B 118 19.63 38.68 -9.72
CA ASP B 118 19.95 39.33 -10.99
C ASP B 118 18.75 40.07 -11.55
N LYS B 119 17.70 39.32 -11.89
CA LYS B 119 16.60 39.88 -12.66
C LYS B 119 15.71 40.78 -11.81
N ASP B 120 15.09 40.22 -10.77
CA ASP B 120 14.38 41.06 -9.81
C ASP B 120 15.36 42.10 -9.29
N ASN B 121 15.34 43.28 -9.89
CA ASN B 121 16.26 44.32 -9.51
C ASN B 121 15.53 45.28 -8.56
N GLY B 122 16.28 45.81 -7.62
CA GLY B 122 15.72 46.64 -6.58
C GLY B 122 16.82 46.95 -5.59
N GLY B 123 16.47 47.74 -4.59
CA GLY B 123 17.40 48.02 -3.52
C GLY B 123 17.90 46.74 -2.89
N GLU B 124 18.88 46.89 -2.00
CA GLU B 124 19.28 45.73 -1.21
C GLU B 124 18.08 45.06 -0.56
N GLU B 125 17.00 45.80 -0.31
CA GLU B 125 15.93 45.34 0.56
C GLU B 125 15.23 44.15 -0.06
N GLU B 126 14.76 44.31 -1.30
CA GLU B 126 14.21 43.19 -2.07
C GLU B 126 15.22 42.05 -2.18
N LYS B 127 16.44 42.42 -2.39
CA LYS B 127 17.49 41.49 -2.71
C LYS B 127 17.99 40.79 -1.46
N ASP B 128 17.89 41.49 -0.35
CA ASP B 128 18.45 40.91 0.84
C ASP B 128 17.34 40.11 1.50
N ARG B 129 16.09 40.53 1.26
CA ARG B 129 14.95 39.63 1.44
C ARG B 129 15.13 38.29 0.72
N THR B 130 15.52 38.32 -0.56
CA THR B 130 15.65 37.08 -1.29
C THR B 130 16.75 36.20 -0.69
N ALA B 131 17.83 36.83 -0.23
CA ALA B 131 18.85 36.05 0.51
C ALA B 131 18.26 35.39 1.75
N LYS B 132 17.67 36.20 2.64
CA LYS B 132 17.10 35.60 3.87
C LYS B 132 15.99 34.56 3.55
N TRP B 133 15.25 34.71 2.44
CA TRP B 133 14.30 33.68 2.04
C TRP B 133 15.04 32.41 1.70
N PHE B 134 16.14 32.51 0.93
CA PHE B 134 16.84 31.30 0.55
C PHE B 134 17.36 30.58 1.78
N GLU B 135 18.00 31.32 2.68
CA GLU B 135 18.51 30.70 3.89
C GLU B 135 17.40 30.03 4.70
N PHE B 136 16.23 30.69 4.79
CA PHE B 136 15.09 30.11 5.51
C PHE B 136 14.65 28.78 4.88
N GLU B 137 14.51 28.77 3.54
CA GLU B 137 14.10 27.56 2.84
C GLU B 137 15.14 26.47 2.93
N ALA B 138 16.42 26.85 2.82
CA ALA B 138 17.46 25.81 2.86
C ALA B 138 17.50 25.17 4.24
N ARG B 139 17.37 25.98 5.29
CA ARG B 139 17.37 25.40 6.63
C ARG B 139 16.17 24.48 6.82
N ALA B 140 15.01 24.86 6.32
CA ALA B 140 13.82 24.01 6.43
C ALA B 140 14.04 22.64 5.78
N ILE B 141 14.68 22.62 4.63
CA ILE B 141 14.97 21.35 3.97
C ILE B 141 15.95 20.53 4.78
N ALA B 142 17.00 21.17 5.30
CA ALA B 142 17.99 20.44 6.08
C ALA B 142 17.33 19.87 7.34
N ILE B 143 16.52 20.67 8.04
CA ILE B 143 15.84 20.17 9.25
C ILE B 143 14.92 19.00 8.87
N ALA B 144 14.07 19.19 7.84
CA ALA B 144 13.15 18.12 7.49
C ALA B 144 13.91 16.83 7.22
N LEU B 145 15.03 16.90 6.50
CA LEU B 145 15.77 15.70 6.19
C LEU B 145 16.36 15.05 7.44
N THR B 146 16.88 15.85 8.40
CA THR B 146 17.37 15.26 9.64
C THR B 146 16.24 14.54 10.39
N LEU B 147 15.04 15.11 10.36
CA LEU B 147 13.92 14.52 11.08
C LEU B 147 13.49 13.21 10.41
N ALA B 148 13.46 13.17 9.07
CA ALA B 148 13.11 11.95 8.33
C ALA B 148 14.18 10.88 8.57
N ALA B 149 15.45 11.29 8.62
CA ALA B 149 16.52 10.35 8.85
C ALA B 149 16.37 9.63 10.19
N ILE B 150 16.19 10.39 11.29
CA ILE B 150 15.94 9.74 12.58
C ILE B 150 14.68 8.88 12.52
N GLY B 151 13.59 9.43 11.97
CA GLY B 151 12.32 8.73 12.04
C GLY B 151 12.35 7.45 11.25
N ASP B 152 13.01 7.46 10.08
CA ASP B 152 12.97 6.26 9.25
C ASP B 152 13.81 5.15 9.88
N VAL B 153 14.93 5.49 10.51
CA VAL B 153 15.72 4.43 11.14
C VAL B 153 14.98 3.90 12.36
N PHE B 154 14.36 4.80 13.14
CA PHE B 154 13.56 4.41 14.30
C PHE B 154 12.46 3.44 13.88
N ASP B 155 11.76 3.75 12.78
CA ASP B 155 10.68 2.88 12.31
C ASP B 155 11.21 1.55 11.74
N LEU B 156 12.39 1.58 11.08
CA LEU B 156 13.04 0.35 10.64
C LEU B 156 13.29 -0.58 11.80
N GLU B 157 13.83 -0.04 12.89
CA GLU B 157 14.04 -0.90 14.05
C GLU B 157 12.74 -1.49 14.55
N LYS B 158 11.65 -0.70 14.53
CA LYS B 158 10.40 -1.26 15.03
C LYS B 158 9.83 -2.28 14.04
N GLU B 159 10.11 -2.11 12.75
CA GLU B 159 9.77 -3.14 11.75
C GLU B 159 10.52 -4.45 11.99
N TRP B 160 11.83 -4.37 12.26
CA TRP B 160 12.60 -5.57 12.56
C TRP B 160 12.01 -6.31 13.76
N ARG B 161 11.64 -5.57 14.81
CA ARG B 161 10.98 -6.21 15.96
C ARG B 161 9.68 -6.88 15.58
N LYS B 162 8.89 -6.24 14.73
CA LYS B 162 7.67 -6.90 14.24
C LYS B 162 8.03 -8.22 13.56
N LEU B 163 9.07 -8.22 12.75
CA LEU B 163 9.53 -9.44 12.13
C LEU B 163 10.19 -10.34 13.19
N GLY C 1 -23.42 18.45 -18.92
CA GLY C 1 -22.59 19.45 -19.55
C GLY C 1 -21.36 19.79 -18.70
N HIS C 2 -20.79 20.98 -18.93
CA HIS C 2 -19.56 21.39 -18.25
C HIS C 2 -19.70 21.40 -16.72
N SER C 5 -19.92 17.99 -15.31
CA SER C 5 -18.66 17.32 -15.60
C SER C 5 -17.58 17.76 -14.63
N GLN C 6 -17.58 19.06 -14.31
CA GLN C 6 -16.61 19.58 -13.35
C GLN C 6 -16.90 19.07 -11.95
N SER C 7 -18.19 18.97 -11.58
CA SER C 7 -18.57 18.41 -10.29
C SER C 7 -18.13 16.95 -10.16
N ASN C 8 -18.32 16.17 -11.22
CA ASN C 8 -17.91 14.77 -11.17
C ASN C 8 -16.40 14.67 -11.17
N ARG C 9 -15.73 15.59 -11.85
CA ARG C 9 -14.27 15.58 -11.76
C ARG C 9 -13.82 15.84 -10.32
N GLU C 10 -14.49 16.75 -9.63
CA GLU C 10 -14.09 17.08 -8.26
C GLU C 10 -14.39 15.92 -7.30
N LEU C 11 -15.48 15.18 -7.57
CA LEU C 11 -15.77 13.98 -6.77
C LEU C 11 -14.69 12.93 -6.96
N VAL C 12 -14.25 12.70 -8.21
CA VAL C 12 -13.13 11.79 -8.46
C VAL C 12 -11.88 12.26 -7.74
N VAL C 13 -11.54 13.55 -7.89
CA VAL C 13 -10.35 14.08 -7.22
C VAL C 13 -10.43 13.91 -5.70
N ASP C 14 -11.58 14.22 -5.12
CA ASP C 14 -11.71 14.09 -3.67
C ASP C 14 -11.50 12.65 -3.22
N PHE C 15 -12.13 11.68 -3.92
CA PHE C 15 -12.01 10.28 -3.54
C PHE C 15 -10.57 9.81 -3.68
N LEU C 16 -9.93 10.15 -4.79
CA LEU C 16 -8.57 9.69 -5.02
C LEU C 16 -7.60 10.35 -4.07
N SER C 17 -7.74 11.64 -3.83
CA SER C 17 -6.92 12.32 -2.83
C SER C 17 -7.05 11.61 -1.47
N TYR C 18 -8.26 11.25 -1.11
CA TYR C 18 -8.47 10.54 0.17
C TYR C 18 -7.78 9.18 0.17
N LYS C 19 -8.02 8.37 -0.87
CA LYS C 19 -7.38 7.04 -0.91
C LYS C 19 -5.87 7.13 -0.96
N LEU C 20 -5.36 8.10 -1.71
CA LEU C 20 -3.90 8.30 -1.72
C LEU C 20 -3.41 8.69 -0.33
N SER C 21 -4.11 9.58 0.36
CA SER C 21 -3.65 9.98 1.70
C SER C 21 -3.66 8.80 2.69
N GLN C 22 -4.55 7.84 2.51
CA GLN C 22 -4.57 6.66 3.39
C GLN C 22 -3.29 5.84 3.25
N LYS C 23 -2.64 5.90 2.09
CA LYS C 23 -1.36 5.26 1.88
C LYS C 23 -0.19 6.20 2.16
N GLY C 24 -0.46 7.44 2.59
CA GLY C 24 0.62 8.35 2.93
C GLY C 24 1.03 9.26 1.80
N TYR C 25 0.29 9.25 0.68
CA TYR C 25 0.65 10.00 -0.53
C TYR C 25 -0.22 11.24 -0.72
N SER C 26 0.34 12.27 -1.34
CA SER C 26 -0.28 13.60 -1.43
C SER C 26 -0.64 13.89 -2.88
N TRP C 27 -1.95 14.05 -3.13
CA TRP C 27 -2.51 14.37 -4.44
C TRP C 27 -1.73 15.51 -5.11
N SER C 28 -1.43 16.56 -4.34
CA SER C 28 -0.73 17.71 -4.91
C SER C 28 0.61 17.33 -5.54
N GLN C 29 1.24 16.23 -5.11
CA GLN C 29 2.52 15.85 -5.72
C GLN C 29 2.32 15.25 -7.12
N PHE C 30 1.06 14.97 -7.54
CA PHE C 30 0.88 14.20 -8.76
C PHE C 30 0.03 15.00 -9.76
N SER C 31 -0.45 16.18 -9.37
CA SER C 31 -1.41 16.94 -10.18
C SER C 31 -1.26 18.45 -9.95
N THR C 44 -22.39 21.96 0.50
CA THR C 44 -22.68 21.11 1.66
C THR C 44 -23.23 19.81 1.10
N GLU C 45 -24.10 19.97 0.11
CA GLU C 45 -24.62 18.82 -0.64
C GLU C 45 -23.49 18.05 -1.30
N SER C 46 -22.60 18.75 -2.02
CA SER C 46 -21.44 18.07 -2.59
C SER C 46 -20.56 17.49 -1.50
N GLU C 47 -20.62 18.01 -0.29
CA GLU C 47 -19.58 17.54 0.59
C GLU C 47 -20.12 16.31 1.32
N ALA C 48 -21.46 16.24 1.44
CA ALA C 48 -22.12 15.02 1.91
C ALA C 48 -21.93 13.86 0.93
N VAL C 49 -22.06 14.11 -0.39
CA VAL C 49 -21.74 13.08 -1.39
C VAL C 49 -20.30 12.62 -1.23
N LYS C 50 -19.37 13.58 -1.10
CA LYS C 50 -17.96 13.22 -0.99
C LYS C 50 -17.73 12.36 0.24
N GLN C 51 -18.37 12.72 1.37
CA GLN C 51 -18.17 11.94 2.60
C GLN C 51 -18.78 10.55 2.49
N ALA C 52 -19.99 10.47 1.95
CA ALA C 52 -20.61 9.16 1.81
C ALA C 52 -19.80 8.26 0.89
N LEU C 53 -19.23 8.85 -0.19
CA LEU C 53 -18.42 8.02 -1.09
C LEU C 53 -17.15 7.58 -0.39
N ARG C 54 -16.50 8.45 0.38
CA ARG C 54 -15.28 8.07 1.09
C ARG C 54 -15.57 6.89 2.04
N GLU C 55 -16.66 6.99 2.79
CA GLU C 55 -16.99 5.97 3.80
C GLU C 55 -17.38 4.67 3.14
N ALA C 56 -18.08 4.74 2.01
CA ALA C 56 -18.45 3.52 1.29
C ALA C 56 -17.22 2.82 0.72
N GLY C 57 -16.33 3.59 0.14
CA GLY C 57 -15.06 3.04 -0.30
C GLY C 57 -14.29 2.38 0.82
N ASP C 58 -14.26 3.03 2.01
CA ASP C 58 -13.62 2.44 3.18
C ASP C 58 -14.25 1.11 3.56
N GLU C 59 -15.58 1.04 3.52
CA GLU C 59 -16.27 -0.22 3.83
C GLU C 59 -15.93 -1.30 2.82
N PHE C 60 -16.06 -1.00 1.53
CA PHE C 60 -15.67 -1.92 0.47
C PHE C 60 -14.27 -2.46 0.64
N GLU C 61 -13.30 -1.58 0.87
CA GLU C 61 -11.92 -2.01 0.90
C GLU C 61 -11.57 -2.73 2.20
N LEU C 62 -12.34 -2.50 3.27
CA LEU C 62 -12.05 -3.04 4.58
C LEU C 62 -11.94 -4.55 4.51
N ARG C 63 -12.92 -5.19 3.88
CA ARG C 63 -12.88 -6.64 3.75
C ARG C 63 -12.11 -7.12 2.50
N TYR C 64 -11.41 -6.22 1.77
CA TYR C 64 -10.64 -6.60 0.56
C TYR C 64 -9.36 -5.78 0.33
N ARG C 65 -8.45 -5.64 1.33
CA ARG C 65 -7.22 -4.90 1.04
C ARG C 65 -6.21 -5.71 0.25
N ARG C 66 -5.67 -6.80 0.81
CA ARG C 66 -4.95 -7.82 0.07
C ARG C 66 -5.61 -8.20 -1.28
N ALA C 67 -6.95 -8.32 -1.35
CA ALA C 67 -7.60 -8.64 -2.63
C ALA C 67 -7.36 -7.56 -3.68
N PHE C 68 -7.92 -6.36 -3.47
CA PHE C 68 -7.77 -5.30 -4.45
C PHE C 68 -6.31 -5.20 -4.89
N SER C 69 -5.37 -5.42 -3.96
CA SER C 69 -3.93 -5.37 -4.29
C SER C 69 -3.52 -6.52 -5.21
N ASP C 70 -4.12 -7.70 -5.05
CA ASP C 70 -3.83 -8.83 -5.92
C ASP C 70 -4.36 -8.65 -7.31
N LEU C 71 -5.66 -8.37 -7.44
CA LEU C 71 -6.26 -8.09 -8.74
C LEU C 71 -5.52 -7.00 -9.48
N THR C 72 -5.18 -5.91 -8.80
CA THR C 72 -4.48 -4.85 -9.50
C THR C 72 -3.10 -5.32 -9.90
N SER C 73 -2.45 -6.07 -9.00
CA SER C 73 -1.13 -6.59 -9.35
C SER C 73 -1.22 -7.49 -10.55
N GLN C 74 -2.30 -8.28 -10.67
CA GLN C 74 -2.41 -9.19 -11.80
C GLN C 74 -2.64 -8.43 -13.11
N LEU C 75 -3.10 -7.18 -13.04
CA LEU C 75 -3.29 -6.43 -14.27
C LEU C 75 -1.99 -5.88 -14.83
N HIS C 76 -0.89 -5.93 -14.07
CA HIS C 76 0.45 -5.43 -14.48
C HIS C 76 0.37 -4.05 -15.13
N ILE C 77 -0.13 -3.11 -14.35
CA ILE C 77 -0.32 -1.72 -14.81
C ILE C 77 1.02 -1.12 -15.25
N THR C 78 1.03 -0.53 -16.45
CA THR C 78 2.16 0.27 -16.90
C THR C 78 1.60 1.48 -17.63
N PRO C 79 2.37 2.54 -17.80
CA PRO C 79 1.81 3.67 -18.53
C PRO C 79 1.32 3.29 -19.92
N GLY C 80 2.02 2.38 -20.59
CA GLY C 80 1.63 1.93 -21.92
C GLY C 80 0.40 1.06 -21.98
N THR C 81 0.06 0.37 -20.86
CA THR C 81 -1.04 -0.58 -20.90
C THR C 81 -2.20 -0.22 -19.97
N ALA C 82 -2.06 0.82 -19.16
CA ALA C 82 -3.05 1.07 -18.09
C ALA C 82 -4.42 1.46 -18.64
N TYR C 83 -4.47 2.23 -19.73
CA TYR C 83 -5.76 2.68 -20.24
C TYR C 83 -6.62 1.50 -20.68
N GLN C 84 -6.05 0.58 -21.46
CA GLN C 84 -6.88 -0.55 -21.89
C GLN C 84 -7.22 -1.45 -20.72
N SER C 85 -6.29 -1.62 -19.77
CA SER C 85 -6.63 -2.44 -18.61
C SER C 85 -7.81 -1.84 -17.87
N PHE C 86 -7.75 -0.54 -17.54
CA PHE C 86 -8.83 0.12 -16.81
C PHE C 86 -10.17 0.03 -17.57
N GLU C 87 -10.18 0.49 -18.82
CA GLU C 87 -11.42 0.48 -19.62
C GLU C 87 -12.02 -0.92 -19.81
N GLN C 88 -11.19 -1.94 -20.09
CA GLN C 88 -11.80 -3.26 -20.28
C GLN C 88 -12.44 -3.77 -19.00
N VAL C 89 -11.77 -3.56 -17.87
CA VAL C 89 -12.34 -4.06 -16.61
C VAL C 89 -13.63 -3.30 -16.29
N VAL C 90 -13.61 -1.97 -16.44
CA VAL C 90 -14.81 -1.16 -16.18
C VAL C 90 -15.96 -1.53 -17.12
N ASN C 91 -15.67 -1.70 -18.40
CA ASN C 91 -16.72 -2.10 -19.33
C ASN C 91 -17.33 -3.44 -18.92
N GLU C 92 -16.50 -4.36 -18.42
CA GLU C 92 -17.07 -5.64 -17.99
C GLU C 92 -17.84 -5.48 -16.70
N LEU C 93 -17.39 -4.57 -15.82
CA LEU C 93 -18.10 -4.30 -14.56
C LEU C 93 -19.55 -3.88 -14.83
N PHE C 94 -19.77 -3.03 -15.83
CA PHE C 94 -21.09 -2.47 -16.09
C PHE C 94 -21.76 -3.09 -17.30
N ARG C 95 -21.25 -4.25 -17.75
CA ARG C 95 -21.73 -4.96 -18.93
C ARG C 95 -23.24 -5.14 -18.95
N ASP C 96 -23.79 -5.62 -17.85
CA ASP C 96 -25.21 -5.92 -17.79
C ASP C 96 -25.97 -4.94 -16.89
N GLY C 97 -25.40 -3.77 -16.62
CA GLY C 97 -26.15 -2.75 -15.92
C GLY C 97 -25.40 -2.10 -14.77
N VAL C 98 -26.08 -1.21 -14.04
CA VAL C 98 -25.47 -0.34 -13.03
C VAL C 98 -26.24 -0.52 -11.73
N ASN C 99 -25.53 -0.49 -10.60
CA ASN C 99 -26.22 -0.28 -9.33
C ASN C 99 -25.23 0.47 -8.44
N TRP C 100 -25.71 0.93 -7.26
CA TRP C 100 -24.85 1.78 -6.46
C TRP C 100 -23.61 1.03 -5.95
N GLY C 101 -23.75 -0.28 -5.64
CA GLY C 101 -22.60 -1.05 -5.21
C GLY C 101 -21.51 -1.12 -6.26
N ARG C 102 -21.90 -1.32 -7.52
CA ARG C 102 -20.95 -1.32 -8.64
C ARG C 102 -20.27 0.02 -8.81
N ILE C 103 -21.00 1.13 -8.63
CA ILE C 103 -20.36 2.44 -8.71
C ILE C 103 -19.31 2.63 -7.60
N VAL C 104 -19.63 2.21 -6.37
CA VAL C 104 -18.60 2.25 -5.32
C VAL C 104 -17.41 1.37 -5.70
N ALA C 105 -17.66 0.21 -6.27
CA ALA C 105 -16.55 -0.68 -6.64
C ALA C 105 -15.68 -0.07 -7.77
N PHE C 106 -16.30 0.70 -8.66
CA PHE C 106 -15.61 1.44 -9.72
C PHE C 106 -14.67 2.48 -9.12
N PHE C 107 -15.16 3.27 -8.15
CA PHE C 107 -14.29 4.22 -7.47
C PHE C 107 -13.15 3.52 -6.73
N SER C 108 -13.45 2.43 -6.00
CA SER C 108 -12.40 1.72 -5.26
C SER C 108 -11.37 1.14 -6.19
N PHE C 109 -11.80 0.55 -7.32
CA PHE C 109 -10.85 0.03 -8.33
C PHE C 109 -9.93 1.14 -8.84
N GLY C 110 -10.48 2.28 -9.20
CA GLY C 110 -9.63 3.35 -9.69
C GLY C 110 -8.66 3.85 -8.63
N GLY C 111 -9.12 3.96 -7.40
CA GLY C 111 -8.21 4.28 -6.30
C GLY C 111 -7.09 3.26 -6.12
N ALA C 112 -7.42 1.96 -6.22
CA ALA C 112 -6.37 0.94 -6.11
C ALA C 112 -5.35 1.11 -7.25
N LEU C 113 -5.80 1.45 -8.45
CA LEU C 113 -4.87 1.61 -9.57
C LEU C 113 -3.95 2.81 -9.34
N CYS C 114 -4.48 3.90 -8.78
CA CYS C 114 -3.66 5.07 -8.46
C CYS C 114 -2.59 4.73 -7.43
N VAL C 115 -2.99 4.03 -6.37
CA VAL C 115 -2.03 3.61 -5.36
C VAL C 115 -0.96 2.70 -5.94
N GLU C 116 -1.31 1.61 -6.68
CA GLU C 116 -0.26 0.94 -7.48
C GLU C 116 0.69 1.81 -8.23
N SER C 117 0.11 2.72 -9.01
CA SER C 117 0.90 3.59 -9.88
C SER C 117 1.96 4.32 -9.05
N VAL C 118 1.57 4.82 -7.89
CA VAL C 118 2.57 5.54 -7.08
C VAL C 118 3.57 4.55 -6.48
N ASP C 119 3.07 3.47 -5.88
CA ASP C 119 3.96 2.42 -5.35
C ASP C 119 5.02 2.04 -6.37
N LYS C 120 4.64 1.92 -7.65
CA LYS C 120 5.55 1.46 -8.69
C LYS C 120 6.32 2.61 -9.36
N GLU C 121 6.27 3.81 -8.79
CA GLU C 121 6.95 4.98 -9.34
C GLU C 121 6.44 5.31 -10.74
N GLN C 123 3.96 7.66 -11.18
CA GLN C 123 3.15 8.77 -10.68
C GLN C 123 2.37 9.46 -11.77
N VAL C 124 2.90 9.48 -13.00
CA VAL C 124 2.22 10.11 -14.14
C VAL C 124 0.81 9.55 -14.31
N LEU C 125 0.61 8.27 -13.94
CA LEU C 125 -0.69 7.64 -14.15
C LEU C 125 -1.79 8.20 -13.25
N VAL C 126 -1.47 8.83 -12.11
CA VAL C 126 -2.53 9.28 -11.19
C VAL C 126 -3.49 10.26 -11.86
N SER C 127 -2.97 11.29 -12.51
CA SER C 127 -3.88 12.27 -13.10
C SER C 127 -4.58 11.68 -14.31
N ARG C 128 -3.94 10.71 -14.98
CA ARG C 128 -4.54 10.11 -16.17
C ARG C 128 -5.72 9.23 -15.77
N ILE C 129 -5.49 8.34 -14.79
CA ILE C 129 -6.56 7.52 -14.23
C ILE C 129 -7.73 8.38 -13.77
N ALA C 130 -7.45 9.47 -13.04
CA ALA C 130 -8.49 10.41 -12.64
C ALA C 130 -9.27 10.91 -13.84
N ALA C 131 -8.57 11.30 -14.93
CA ALA C 131 -9.29 11.77 -16.12
C ALA C 131 -10.16 10.65 -16.70
N TRP C 132 -9.65 9.42 -16.74
CA TRP C 132 -10.41 8.33 -17.35
C TRP C 132 -11.66 7.99 -16.53
N ALA C 134 -13.26 10.13 -14.55
CA ALA C 134 -14.19 11.23 -14.70
C ALA C 134 -14.93 11.13 -16.06
N THR C 135 -14.22 10.74 -17.12
CA THR C 135 -14.85 10.64 -18.43
C THR C 135 -15.89 9.50 -18.42
N TYR C 136 -15.51 8.36 -17.85
CA TYR C 136 -16.44 7.24 -17.76
C TYR C 136 -17.67 7.60 -16.94
N LEU C 137 -17.47 8.24 -15.80
CA LEU C 137 -18.59 8.64 -14.96
C LEU C 137 -19.51 9.60 -15.68
N ASN C 138 -18.94 10.62 -16.35
CA ASN C 138 -19.75 11.62 -17.04
C ASN C 138 -20.49 11.01 -18.23
N ASP C 139 -19.82 10.17 -19.01
CA ASP C 139 -20.39 9.66 -20.26
C ASP C 139 -21.26 8.42 -20.09
N HIS C 140 -20.93 7.55 -19.14
CA HIS C 140 -21.59 6.25 -19.08
C HIS C 140 -22.36 5.95 -17.80
N LEU C 141 -22.06 6.64 -16.70
CA LEU C 141 -22.76 6.42 -15.44
C LEU C 141 -23.75 7.52 -15.07
N GLU C 142 -23.43 8.76 -15.44
CA GLU C 142 -24.28 9.89 -15.12
C GLU C 142 -25.73 9.75 -15.56
N PRO C 143 -26.05 9.19 -16.73
CA PRO C 143 -27.48 9.02 -17.04
C PRO C 143 -28.18 8.07 -16.08
N TRP C 144 -27.52 6.99 -15.66
CA TRP C 144 -28.17 6.10 -14.70
C TRP C 144 -28.37 6.82 -13.37
N ILE C 145 -27.34 7.53 -12.91
CA ILE C 145 -27.41 8.24 -11.64
C ILE C 145 -28.58 9.22 -11.64
N GLN C 146 -28.77 9.95 -12.75
CA GLN C 146 -29.88 10.89 -12.84
C GLN C 146 -31.23 10.20 -12.78
N GLU C 147 -31.34 9.02 -13.37
CA GLU C 147 -32.63 8.37 -13.36
C GLU C 147 -32.91 7.60 -12.08
N ASN C 148 -31.95 7.50 -11.17
CA ASN C 148 -32.15 6.74 -9.96
C ASN C 148 -32.06 7.62 -8.71
N GLY C 149 -32.46 8.90 -8.84
CA GLY C 149 -32.49 9.86 -7.75
C GLY C 149 -31.25 10.72 -7.55
N GLY C 150 -30.25 10.62 -8.43
CA GLY C 150 -29.02 11.38 -8.26
C GLY C 150 -28.22 10.92 -7.04
N TRP C 151 -27.12 11.64 -6.82
CA TRP C 151 -26.20 11.30 -5.73
C TRP C 151 -26.85 11.48 -4.35
N ASP C 152 -27.88 12.31 -4.23
CA ASP C 152 -28.58 12.41 -2.95
C ASP C 152 -29.24 11.09 -2.55
N THR C 153 -29.66 10.28 -3.53
CA THR C 153 -30.17 8.95 -3.21
C THR C 153 -29.04 8.06 -2.69
N PHE C 154 -27.86 8.19 -3.28
CA PHE C 154 -26.71 7.46 -2.77
C PHE C 154 -26.40 7.83 -1.32
N VAL C 155 -26.38 9.13 -1.00
CA VAL C 155 -26.10 9.58 0.36
C VAL C 155 -27.07 8.96 1.35
N GLU C 156 -28.34 8.92 0.99
CA GLU C 156 -29.38 8.46 1.89
C GLU C 156 -29.47 6.92 1.92
N LEU C 157 -28.75 6.22 1.04
CA LEU C 157 -28.59 4.77 1.14
C LEU C 157 -27.24 4.37 1.75
N TYR C 158 -26.16 5.10 1.45
CA TYR C 158 -24.78 4.69 1.73
C TYR C 158 -24.05 5.52 2.79
N GLY C 159 -24.60 6.65 3.23
CA GLY C 159 -23.93 7.49 4.20
C GLY C 159 -24.57 7.40 5.58
N ASN C 160 -23.84 7.87 6.57
CA ASN C 160 -24.34 7.92 7.95
C ASN C 160 -24.70 9.35 8.37
N ASP D 2 -41.74 -8.70 7.99
CA ASP D 2 -41.20 -8.30 6.71
C ASP D 2 -39.71 -8.29 7.02
N ALA D 3 -39.39 -8.33 8.33
CA ALA D 3 -37.99 -8.47 8.72
C ALA D 3 -37.41 -9.82 8.28
N LYS D 4 -38.23 -10.88 8.32
CA LYS D 4 -37.77 -12.17 7.80
C LYS D 4 -37.44 -12.06 6.32
N LYS D 5 -38.29 -11.37 5.57
CA LYS D 5 -38.05 -11.19 4.16
C LYS D 5 -36.79 -10.37 3.91
N VAL D 6 -36.51 -9.37 4.76
CA VAL D 6 -35.28 -8.58 4.59
C VAL D 6 -34.05 -9.47 4.69
N ALA D 7 -34.04 -10.36 5.69
CA ALA D 7 -32.85 -11.16 5.96
C ALA D 7 -32.68 -12.24 4.91
N LYS D 8 -33.78 -12.88 4.57
CA LYS D 8 -33.77 -13.92 3.57
C LYS D 8 -33.31 -13.38 2.22
N LYS D 9 -33.86 -12.23 1.83
CA LYS D 9 -33.50 -11.63 0.54
C LYS D 9 -32.04 -11.27 0.48
N ALA D 10 -31.49 -10.70 1.56
CA ALA D 10 -30.09 -10.31 1.50
C ALA D 10 -29.20 -11.55 1.42
N ALA D 11 -29.53 -12.59 2.19
CA ALA D 11 -28.74 -13.79 2.17
C ALA D 11 -28.85 -14.50 0.82
N ASP D 12 -30.07 -14.62 0.27
CA ASP D 12 -30.24 -15.21 -1.06
C ASP D 12 -29.43 -14.46 -2.12
N GLN D 13 -29.51 -13.12 -2.11
CA GLN D 13 -28.79 -12.35 -3.12
C GLN D 13 -27.29 -12.53 -2.97
N ALA D 14 -26.79 -12.44 -1.72
CA ALA D 14 -25.35 -12.51 -1.58
C ALA D 14 -24.81 -13.89 -1.96
N ALA D 15 -25.52 -14.94 -1.54
CA ALA D 15 -25.06 -16.29 -1.85
C ALA D 15 -25.14 -16.52 -3.36
N ASN D 16 -26.20 -16.01 -4.01
CA ASN D 16 -26.30 -16.18 -5.47
C ASN D 16 -25.16 -15.46 -6.19
N ARG D 17 -24.77 -14.26 -5.72
CA ARG D 17 -23.65 -13.55 -6.35
C ARG D 17 -22.38 -14.40 -6.26
N ILE D 18 -22.18 -15.08 -5.14
CA ILE D 18 -21.01 -15.98 -5.01
C ILE D 18 -21.16 -17.21 -5.89
N ARG D 19 -22.36 -17.81 -5.95
CA ARG D 19 -22.54 -18.93 -6.87
C ARG D 19 -22.21 -18.51 -8.30
N GLU D 20 -22.66 -17.33 -8.70
CA GLU D 20 -22.40 -16.81 -10.04
C GLU D 20 -20.92 -16.57 -10.25
N LEU D 21 -20.26 -15.93 -9.26
CA LEU D 21 -18.83 -15.71 -9.36
C LEU D 21 -18.10 -17.04 -9.56
N ALA D 22 -18.42 -18.05 -8.75
CA ALA D 22 -17.72 -19.33 -8.87
C ALA D 22 -17.90 -19.89 -10.28
N GLN D 23 -19.12 -19.81 -10.82
CA GLN D 23 -19.40 -20.32 -12.16
C GLN D 23 -18.61 -19.57 -13.23
N VAL D 24 -18.57 -18.24 -13.12
CA VAL D 24 -17.80 -17.45 -14.09
C VAL D 24 -16.32 -17.85 -14.06
N LEU D 25 -15.73 -17.99 -12.87
CA LEU D 25 -14.30 -18.31 -12.80
C LEU D 25 -13.99 -19.68 -13.38
N VAL D 26 -14.83 -20.68 -13.08
CA VAL D 26 -14.68 -22.00 -13.69
C VAL D 26 -14.72 -21.91 -15.20
N GLU D 27 -15.64 -21.14 -15.75
CA GLU D 27 -15.71 -20.99 -17.20
C GLU D 27 -14.47 -20.28 -17.75
N LEU D 28 -13.98 -19.25 -17.05
CA LEU D 28 -12.78 -18.55 -17.50
C LEU D 28 -11.55 -19.45 -17.46
N LEU D 29 -11.42 -20.28 -16.42
CA LEU D 29 -10.35 -21.29 -16.39
C LEU D 29 -10.45 -22.26 -17.55
N LYS D 30 -11.67 -22.65 -17.91
CA LYS D 30 -11.83 -23.60 -19.00
C LYS D 30 -11.39 -23.01 -20.32
N GLU D 31 -11.69 -21.72 -20.55
CA GLU D 31 -11.20 -21.03 -21.73
C GLU D 31 -9.68 -20.97 -21.72
N ALA D 32 -9.09 -20.76 -20.54
CA ALA D 32 -7.65 -20.69 -20.39
C ALA D 32 -6.94 -21.99 -20.72
N LEU D 33 -7.65 -23.12 -20.76
CA LEU D 33 -7.01 -24.36 -21.15
C LEU D 33 -6.78 -24.47 -22.65
N LYS D 34 -7.50 -23.68 -23.46
CA LYS D 34 -7.35 -23.74 -24.91
C LYS D 34 -5.90 -23.61 -25.36
N LEU D 35 -5.48 -24.60 -26.14
CA LEU D 35 -4.16 -24.65 -26.75
C LEU D 35 -3.86 -23.43 -27.62
N ASP D 36 -4.83 -22.99 -28.43
CA ASP D 36 -4.65 -21.77 -29.25
C ASP D 36 -5.04 -20.49 -28.49
N LEU D 37 -4.45 -20.33 -27.30
CA LEU D 37 -4.67 -19.12 -26.50
C LEU D 37 -3.59 -18.09 -26.80
N THR D 38 -3.98 -16.97 -27.41
CA THR D 38 -3.08 -15.85 -27.67
C THR D 38 -2.75 -15.08 -26.40
N GLN D 39 -1.71 -14.25 -26.46
CA GLN D 39 -1.44 -13.39 -25.32
C GLN D 39 -2.52 -12.34 -25.16
N GLU D 40 -3.09 -11.86 -26.27
CA GLU D 40 -4.27 -11.00 -26.21
C GLU D 40 -5.41 -11.68 -25.46
N ARG D 42 -5.22 -14.16 -23.20
CA ARG D 42 -4.89 -14.29 -21.78
C ARG D 42 -5.03 -12.96 -21.05
N LYS D 43 -4.63 -11.88 -21.70
CA LYS D 43 -4.83 -10.58 -21.09
C LYS D 43 -6.30 -10.34 -20.84
N LYS D 44 -7.14 -10.63 -21.84
CA LYS D 44 -8.59 -10.41 -21.65
C LYS D 44 -9.15 -11.35 -20.59
N LEU D 45 -8.53 -12.50 -20.39
CA LEU D 45 -9.07 -13.40 -19.37
C LEU D 45 -8.77 -12.85 -17.97
N ILE D 46 -7.57 -12.26 -17.77
CA ILE D 46 -7.28 -11.60 -16.50
C ILE D 46 -8.24 -10.42 -16.27
N GLU D 47 -8.49 -9.66 -17.32
CA GLU D 47 -9.41 -8.54 -17.17
C GLU D 47 -10.80 -9.00 -16.79
N ARG D 48 -11.30 -10.08 -17.41
CA ARG D 48 -12.65 -10.58 -17.09
C ARG D 48 -12.72 -11.17 -15.70
N TYR D 49 -11.70 -11.93 -15.31
CA TYR D 49 -11.48 -12.25 -13.90
C TYR D 49 -11.57 -11.09 -12.91
N ALA D 50 -10.77 -10.07 -13.16
CA ALA D 50 -10.77 -8.91 -12.30
C ALA D 50 -12.15 -8.28 -12.23
N ALA D 51 -12.80 -8.14 -13.39
CA ALA D 51 -14.16 -7.61 -13.41
C ALA D 51 -15.13 -8.52 -12.69
N ALA D 52 -14.99 -9.83 -12.82
CA ALA D 52 -15.95 -10.71 -12.16
C ALA D 52 -15.87 -10.55 -10.64
N ILE D 53 -14.64 -10.39 -10.14
CA ILE D 53 -14.43 -10.23 -8.71
C ILE D 53 -15.04 -8.92 -8.24
N ILE D 54 -14.74 -7.84 -8.97
CA ILE D 54 -15.23 -6.51 -8.57
C ILE D 54 -16.74 -6.42 -8.69
N ARG D 55 -17.32 -7.06 -9.70
CA ARG D 55 -18.77 -7.08 -9.87
C ARG D 55 -19.45 -7.79 -8.69
N ALA D 56 -18.88 -8.92 -8.26
CA ALA D 56 -19.48 -9.69 -7.17
C ALA D 56 -19.45 -8.91 -5.89
N ILE D 57 -18.29 -8.30 -5.59
CA ILE D 57 -18.14 -7.47 -4.41
C ILE D 57 -19.09 -6.29 -4.45
N GLY D 58 -19.16 -5.58 -5.58
CA GLY D 58 -20.15 -4.51 -5.66
C GLY D 58 -21.58 -5.01 -5.44
N ASP D 59 -21.90 -6.16 -6.04
CA ASP D 59 -23.28 -6.64 -6.00
C ASP D 59 -23.64 -7.16 -4.61
N ILE D 60 -22.70 -7.81 -3.93
CA ILE D 60 -22.93 -8.21 -2.55
C ILE D 60 -23.15 -6.99 -1.68
N ASN D 61 -22.31 -5.98 -1.83
CA ASN D 61 -22.49 -4.76 -1.03
C ASN D 61 -23.81 -4.07 -1.35
N ASN D 62 -24.18 -4.05 -2.63
CA ASN D 62 -25.49 -3.49 -2.99
C ASN D 62 -26.64 -4.17 -2.23
N ALA D 63 -26.64 -5.50 -2.19
CA ALA D 63 -27.69 -6.24 -1.48
C ALA D 63 -27.67 -5.91 0.01
N ILE D 64 -26.47 -5.76 0.58
CA ILE D 64 -26.37 -5.49 2.02
C ILE D 64 -26.85 -4.08 2.34
N TYR D 65 -26.46 -3.09 1.52
CA TYR D 65 -26.89 -1.73 1.84
C TYR D 65 -28.41 -1.57 1.69
N GLN D 66 -28.98 -2.24 0.69
CA GLN D 66 -30.44 -2.21 0.54
C GLN D 66 -31.10 -2.86 1.74
N ALA D 67 -30.53 -3.97 2.22
CA ALA D 67 -31.11 -4.67 3.37
C ALA D 67 -31.01 -3.83 4.64
N LYS D 68 -29.88 -3.14 4.87
CA LYS D 68 -29.77 -2.28 6.05
C LYS D 68 -30.73 -1.11 5.96
N GLN D 69 -30.94 -0.57 4.74
CA GLN D 69 -31.92 0.49 4.56
C GLN D 69 -33.33 0.00 4.90
N GLU D 70 -33.69 -1.21 4.44
CA GLU D 70 -35.01 -1.77 4.75
C GLU D 70 -35.16 -2.02 6.24
N ALA D 71 -34.08 -2.46 6.91
CA ALA D 71 -34.13 -2.66 8.35
C ALA D 71 -34.48 -1.37 9.08
N GLU D 72 -33.87 -0.26 8.65
CA GLU D 72 -34.12 0.99 9.37
C GLU D 72 -35.53 1.52 9.10
N LYS D 73 -36.03 1.34 7.88
CA LYS D 73 -37.42 1.70 7.58
C LYS D 73 -38.40 0.90 8.43
N LEU D 74 -38.05 -0.35 8.77
CA LEU D 74 -38.89 -1.18 9.64
C LEU D 74 -38.89 -0.66 11.07
N LYS D 75 -37.73 -0.23 11.56
CA LYS D 75 -37.66 0.35 12.89
C LYS D 75 -38.44 1.65 12.95
N LYS D 76 -38.27 2.52 11.94
CA LYS D 76 -38.93 3.81 11.95
C LYS D 76 -40.43 3.66 11.85
N ALA D 77 -40.90 2.61 11.20
CA ALA D 77 -42.32 2.32 11.12
C ALA D 77 -42.83 1.56 12.34
N GLY D 78 -41.97 1.34 13.33
CA GLY D 78 -42.36 0.58 14.51
C GLY D 78 -42.70 -0.86 14.24
N LEU D 79 -42.21 -1.44 13.15
CA LEU D 79 -42.42 -2.87 12.93
C LEU D 79 -41.33 -3.73 13.54
N VAL D 80 -40.32 -3.11 14.17
CA VAL D 80 -39.22 -3.79 14.86
C VAL D 80 -38.83 -2.89 16.01
N ASP D 81 -38.53 -3.50 17.18
CA ASP D 81 -37.93 -2.79 18.30
C ASP D 81 -36.41 -2.78 18.17
N SER D 82 -35.73 -2.19 19.15
CA SER D 82 -34.30 -2.03 19.05
C SER D 82 -33.58 -3.38 19.04
N ASP D 83 -33.97 -4.29 19.94
CA ASP D 83 -33.25 -5.56 20.05
C ASP D 83 -33.40 -6.41 18.80
N GLN D 84 -34.59 -6.46 18.23
CA GLN D 84 -34.80 -7.21 17.00
C GLN D 84 -34.00 -6.58 15.87
N LEU D 85 -33.92 -5.25 15.87
CA LEU D 85 -33.15 -4.56 14.84
C LEU D 85 -31.68 -4.86 14.96
N ASP D 86 -31.17 -4.88 16.21
CA ASP D 86 -29.76 -5.17 16.47
C ASP D 86 -29.40 -6.56 16.00
N ALA D 87 -30.28 -7.54 16.27
CA ALA D 87 -30.04 -8.90 15.78
C ALA D 87 -29.96 -8.91 14.25
N LEU D 88 -30.87 -8.19 13.59
CA LEU D 88 -30.89 -8.17 12.13
C LEU D 88 -29.63 -7.51 11.57
N LEU D 89 -29.24 -6.36 12.13
CA LEU D 89 -28.04 -5.68 11.63
C LEU D 89 -26.78 -6.53 11.82
N ARG D 90 -26.63 -7.14 13.01
CA ARG D 90 -25.52 -8.06 13.27
C ARG D 90 -25.52 -9.21 12.28
N ALA D 91 -26.70 -9.74 11.96
CA ALA D 91 -26.72 -10.85 11.01
C ALA D 91 -26.30 -10.36 9.62
N LEU D 92 -26.71 -9.14 9.26
CA LEU D 92 -26.32 -8.62 7.94
C LEU D 92 -24.82 -8.37 7.89
N ASP D 93 -24.24 -7.92 9.01
CA ASP D 93 -22.79 -7.75 9.08
C ASP D 93 -22.07 -9.09 8.94
N GLU D 94 -22.62 -10.15 9.54
CA GLU D 94 -22.02 -11.48 9.39
C GLU D 94 -22.12 -11.98 7.96
N LEU D 95 -23.27 -11.75 7.34
CA LEU D 95 -23.42 -12.10 5.93
C LEU D 95 -22.37 -11.40 5.08
N GLN D 96 -22.23 -10.08 5.28
CA GLN D 96 -21.20 -9.34 4.56
C GLN D 96 -19.82 -9.97 4.77
N LYS D 97 -19.52 -10.34 6.01
CA LYS D 97 -18.21 -10.88 6.34
C LYS D 97 -17.97 -12.24 5.65
N VAL D 98 -18.95 -13.14 5.68
CA VAL D 98 -18.72 -14.48 5.12
C VAL D 98 -18.76 -14.44 3.60
N ALA D 99 -19.61 -13.58 3.04
CA ALA D 99 -19.67 -13.55 1.59
C ALA D 99 -18.43 -12.85 1.01
N SER D 100 -17.89 -11.83 1.72
CA SER D 100 -16.66 -11.19 1.26
C SER D 100 -15.46 -12.13 1.37
N LYS D 101 -15.38 -12.91 2.44
CA LYS D 101 -14.35 -13.95 2.51
C LYS D 101 -14.47 -14.96 1.36
N ALA D 102 -15.70 -15.38 1.04
CA ALA D 102 -15.85 -16.36 -0.05
C ALA D 102 -15.35 -15.78 -1.37
N ALA D 103 -15.65 -14.51 -1.64
CA ALA D 103 -15.18 -13.89 -2.87
C ALA D 103 -13.65 -13.80 -2.92
N ASN D 104 -13.04 -13.37 -1.81
CA ASN D 104 -11.58 -13.29 -1.72
C ASN D 104 -10.95 -14.65 -1.94
N GLN D 105 -11.54 -15.67 -1.32
CA GLN D 105 -10.96 -17.01 -1.45
C GLN D 105 -11.10 -17.52 -2.89
N LEU D 106 -12.26 -17.28 -3.53
CA LEU D 106 -12.42 -17.71 -4.91
C LEU D 106 -11.39 -17.04 -5.82
N GLY D 107 -11.16 -15.73 -5.62
CA GLY D 107 -10.13 -15.04 -6.40
C GLY D 107 -8.73 -15.58 -6.16
N ARG D 108 -8.41 -15.88 -4.89
CA ARG D 108 -7.09 -16.43 -4.57
C ARG D 108 -6.89 -17.81 -5.19
N LEU D 109 -7.94 -18.64 -5.15
CA LEU D 109 -7.88 -19.97 -5.73
C LEU D 109 -7.72 -19.91 -7.24
N PHE D 110 -8.39 -18.95 -7.88
CA PHE D 110 -8.25 -18.79 -9.32
C PHE D 110 -6.82 -18.39 -9.70
N GLU D 111 -6.24 -17.47 -8.94
CA GLU D 111 -4.84 -17.08 -9.17
C GLU D 111 -3.90 -18.28 -9.03
N GLU D 112 -4.06 -19.07 -7.96
CA GLU D 112 -3.36 -20.36 -7.85
C GLU D 112 -3.55 -21.26 -9.05
N ALA D 113 -4.79 -21.44 -9.48
CA ALA D 113 -5.08 -22.22 -10.68
C ALA D 113 -4.23 -21.75 -11.85
N LEU D 114 -4.24 -20.45 -12.10
CA LEU D 114 -3.46 -19.94 -13.23
C LEU D 114 -1.98 -20.22 -13.03
N LYS D 115 -1.50 -20.04 -11.79
CA LYS D 115 -0.06 -20.17 -11.55
C LYS D 115 0.35 -21.62 -11.61
N ARG D 116 -0.53 -22.52 -11.18
CA ARG D 116 -0.33 -23.92 -11.49
C ARG D 116 -0.28 -24.09 -13.00
N LEU D 117 -1.36 -23.74 -13.70
CA LEU D 117 -1.43 -23.94 -15.15
C LEU D 117 -0.20 -23.43 -15.91
N ASP D 118 0.43 -22.36 -15.44
CA ASP D 118 1.55 -21.82 -16.19
C ASP D 118 2.91 -22.44 -15.82
N LYS D 119 3.06 -22.96 -14.59
CA LYS D 119 4.23 -23.75 -14.23
C LYS D 119 4.12 -25.18 -14.73
N ASP D 120 2.90 -25.71 -14.67
CA ASP D 120 2.63 -27.13 -14.92
C ASP D 120 2.25 -27.36 -16.38
N ASN D 121 2.69 -26.49 -17.29
CA ASN D 121 2.14 -26.41 -18.63
C ASN D 121 2.41 -27.68 -19.42
N GLY D 122 1.99 -27.70 -20.69
CA GLY D 122 2.36 -28.76 -21.59
C GLY D 122 1.49 -30.00 -21.47
N GLY D 123 1.69 -30.77 -20.40
CA GLY D 123 0.86 -31.95 -20.19
C GLY D 123 -0.60 -31.59 -20.05
N GLU D 124 -1.45 -32.12 -20.93
CA GLU D 124 -2.86 -31.77 -20.83
C GLU D 124 -3.52 -32.42 -19.63
N GLU D 125 -3.19 -33.68 -19.33
CA GLU D 125 -3.84 -34.36 -18.21
C GLU D 125 -3.65 -33.51 -16.98
N GLU D 126 -2.43 -33.01 -16.83
CA GLU D 126 -2.06 -32.25 -15.66
C GLU D 126 -2.87 -30.97 -15.59
N LYS D 127 -2.91 -30.22 -16.70
CA LYS D 127 -3.83 -29.11 -16.88
C LYS D 127 -5.25 -29.45 -16.45
N ASP D 128 -5.73 -30.61 -16.89
CA ASP D 128 -7.10 -30.99 -16.60
C ASP D 128 -7.29 -31.21 -15.10
N ARG D 129 -6.29 -31.78 -14.42
CA ARG D 129 -6.36 -31.89 -12.96
C ARG D 129 -6.42 -30.54 -12.30
N THR D 130 -5.59 -29.60 -12.77
CA THR D 130 -5.67 -28.26 -12.19
C THR D 130 -7.08 -27.70 -12.34
N ALA D 131 -7.66 -27.81 -13.54
CA ALA D 131 -9.03 -27.36 -13.76
C ALA D 131 -10.01 -28.09 -12.84
N LYS D 132 -9.83 -29.40 -12.66
CA LYS D 132 -10.74 -30.15 -11.80
C LYS D 132 -10.52 -29.80 -10.33
N TRP D 133 -9.27 -29.61 -9.94
CA TRP D 133 -9.00 -29.12 -8.59
C TRP D 133 -9.71 -27.78 -8.37
N PHE D 134 -9.52 -26.83 -9.29
CA PHE D 134 -10.17 -25.55 -9.12
C PHE D 134 -11.68 -25.69 -9.06
N GLU D 135 -12.27 -26.46 -9.98
CA GLU D 135 -13.73 -26.54 -9.92
C GLU D 135 -14.20 -27.20 -8.63
N PHE D 136 -13.45 -28.18 -8.12
CA PHE D 136 -13.82 -28.81 -6.85
C PHE D 136 -13.79 -27.81 -5.70
N GLU D 137 -12.72 -27.01 -5.63
CA GLU D 137 -12.61 -26.09 -4.52
C GLU D 137 -13.62 -24.97 -4.63
N ALA D 138 -13.86 -24.50 -5.84
CA ALA D 138 -14.81 -23.41 -5.98
C ALA D 138 -16.20 -23.86 -5.61
N ARG D 139 -16.54 -25.09 -5.97
CA ARG D 139 -17.89 -25.55 -5.68
C ARG D 139 -18.03 -25.83 -4.18
N ALA D 140 -16.98 -26.34 -3.52
CA ALA D 140 -17.02 -26.45 -2.05
C ALA D 140 -17.32 -25.11 -1.43
N ILE D 141 -16.74 -24.04 -1.95
CA ILE D 141 -16.93 -22.73 -1.31
C ILE D 141 -18.38 -22.28 -1.47
N ALA D 142 -18.90 -22.41 -2.71
CA ALA D 142 -20.27 -22.04 -2.99
C ALA D 142 -21.25 -22.84 -2.13
N ILE D 143 -21.04 -24.15 -2.03
CA ILE D 143 -21.92 -24.98 -1.22
C ILE D 143 -21.87 -24.53 0.23
N ALA D 144 -20.66 -24.36 0.78
CA ALA D 144 -20.57 -24.00 2.20
C ALA D 144 -21.26 -22.66 2.44
N LEU D 145 -21.04 -21.68 1.55
CA LEU D 145 -21.69 -20.40 1.72
C LEU D 145 -23.23 -20.51 1.61
N THR D 146 -23.77 -21.34 0.68
CA THR D 146 -25.22 -21.49 0.62
C THR D 146 -25.76 -22.15 1.89
N LEU D 147 -25.02 -23.12 2.44
CA LEU D 147 -25.45 -23.77 3.68
C LEU D 147 -25.49 -22.77 4.83
N ALA D 148 -24.42 -21.95 4.94
CA ALA D 148 -24.34 -20.93 5.98
C ALA D 148 -25.43 -19.90 5.81
N ALA D 149 -25.72 -19.53 4.58
CA ALA D 149 -26.76 -18.53 4.35
C ALA D 149 -28.13 -19.02 4.85
N ILE D 150 -28.52 -20.25 4.49
CA ILE D 150 -29.80 -20.80 5.01
C ILE D 150 -29.75 -20.90 6.53
N GLY D 151 -28.65 -21.45 7.06
CA GLY D 151 -28.62 -21.75 8.49
C GLY D 151 -28.57 -20.49 9.33
N ASP D 152 -27.84 -19.46 8.86
CA ASP D 152 -27.81 -18.22 9.66
C ASP D 152 -29.18 -17.51 9.68
N VAL D 153 -29.89 -17.49 8.56
CA VAL D 153 -31.19 -16.86 8.60
C VAL D 153 -32.15 -17.67 9.46
N PHE D 154 -32.10 -19.00 9.33
CA PHE D 154 -32.92 -19.89 10.14
C PHE D 154 -32.66 -19.63 11.61
N ASP D 155 -31.39 -19.50 11.99
CA ASP D 155 -31.08 -19.23 13.40
C ASP D 155 -31.47 -17.82 13.84
N LEU D 156 -31.36 -16.81 12.94
CA LEU D 156 -31.85 -15.48 13.29
C LEU D 156 -33.33 -15.53 13.65
N GLU D 157 -34.11 -16.28 12.87
CA GLU D 157 -35.53 -16.38 13.20
C GLU D 157 -35.71 -17.01 14.56
N LYS D 158 -34.93 -18.06 14.87
CA LYS D 158 -35.16 -18.71 16.16
C LYS D 158 -34.74 -17.78 17.29
N GLU D 159 -33.85 -16.84 17.04
CA GLU D 159 -33.46 -15.89 18.09
C GLU D 159 -34.48 -14.74 18.26
N TRP D 160 -35.20 -14.37 17.19
CA TRP D 160 -36.29 -13.41 17.35
C TRP D 160 -37.37 -14.00 18.26
N ARG D 161 -37.73 -15.27 18.03
CA ARG D 161 -38.64 -15.96 18.96
C ARG D 161 -38.11 -16.01 20.40
N LYS D 162 -36.81 -16.27 20.58
CA LYS D 162 -36.23 -16.11 21.91
C LYS D 162 -36.55 -14.73 22.48
N LEU D 163 -36.49 -13.68 21.65
CA LEU D 163 -36.77 -12.32 22.12
C LEU D 163 -38.28 -12.06 22.22
N SER E 5 47.62 3.10 -17.12
CA SER E 5 47.27 4.31 -17.86
C SER E 5 46.38 4.01 -19.06
N GLN E 6 46.76 3.03 -19.87
CA GLN E 6 45.96 2.70 -21.05
C GLN E 6 44.58 2.15 -20.65
N SER E 7 44.53 1.32 -19.62
CA SER E 7 43.24 0.88 -19.08
C SER E 7 42.39 2.07 -18.67
N ASN E 8 43.00 3.09 -18.08
CA ASN E 8 42.17 4.21 -17.66
C ASN E 8 41.63 4.98 -18.86
N ARG E 9 42.41 5.14 -19.93
CA ARG E 9 41.83 5.76 -21.14
C ARG E 9 40.69 4.93 -21.70
N GLU E 10 40.85 3.60 -21.71
CA GLU E 10 39.76 2.75 -22.23
C GLU E 10 38.51 2.88 -21.39
N LEU E 11 38.67 3.07 -20.09
CA LEU E 11 37.49 3.22 -19.23
C LEU E 11 36.71 4.48 -19.57
N VAL E 12 37.45 5.59 -19.72
CA VAL E 12 36.82 6.86 -20.08
C VAL E 12 36.09 6.71 -21.42
N VAL E 13 36.77 6.15 -22.43
CA VAL E 13 36.13 6.00 -23.75
C VAL E 13 34.87 5.14 -23.64
N ASP E 14 34.95 4.01 -22.92
CA ASP E 14 33.77 3.15 -22.80
C ASP E 14 32.60 3.87 -22.15
N PHE E 15 32.86 4.54 -21.03
CA PHE E 15 31.80 5.25 -20.31
C PHE E 15 31.19 6.37 -21.15
N LEU E 16 32.03 7.19 -21.79
CA LEU E 16 31.47 8.27 -22.59
C LEU E 16 30.73 7.73 -23.82
N SER E 17 31.27 6.70 -24.45
CA SER E 17 30.56 6.11 -25.59
C SER E 17 29.17 5.64 -25.15
N TYR E 18 29.07 5.07 -23.96
CA TYR E 18 27.79 4.59 -23.47
C TYR E 18 26.83 5.76 -23.20
N LYS E 19 27.27 6.76 -22.44
CA LYS E 19 26.41 7.90 -22.16
C LYS E 19 25.98 8.63 -23.43
N LEU E 20 26.91 8.78 -24.39
CA LEU E 20 26.54 9.40 -25.67
C LEU E 20 25.47 8.54 -26.39
N SER E 21 25.63 7.20 -26.40
CA SER E 21 24.64 6.34 -27.07
C SER E 21 23.27 6.40 -26.38
N GLN E 22 23.23 6.67 -25.07
CA GLN E 22 21.95 6.81 -24.39
C GLN E 22 21.18 8.02 -24.89
N LYS E 23 21.90 9.04 -25.36
CA LYS E 23 21.27 10.17 -25.97
C LYS E 23 21.16 10.02 -27.48
N GLY E 24 21.53 8.87 -28.04
CA GLY E 24 21.35 8.63 -29.47
C GLY E 24 22.55 9.02 -30.31
N TYR E 25 23.68 9.35 -29.68
CA TYR E 25 24.88 9.85 -30.35
C TYR E 25 25.98 8.80 -30.46
N SER E 26 26.78 8.86 -31.54
CA SER E 26 27.73 7.79 -31.86
C SER E 26 29.16 8.26 -31.67
N TRP E 27 29.91 7.60 -30.74
CA TRP E 27 31.29 7.95 -30.37
C TRP E 27 32.17 8.05 -31.60
N SER E 28 31.97 7.13 -32.54
CA SER E 28 32.89 7.02 -33.67
C SER E 28 32.91 8.29 -34.49
N GLN E 29 31.83 9.07 -34.44
CA GLN E 29 31.77 10.32 -35.19
C GLN E 29 32.62 11.43 -34.58
N PHE E 30 32.99 11.30 -33.31
CA PHE E 30 33.70 12.38 -32.63
C PHE E 30 35.17 12.07 -32.35
N SER E 31 35.61 10.85 -32.61
CA SER E 31 36.92 10.41 -32.18
C SER E 31 37.31 9.17 -32.98
N ASP E 32 38.59 9.08 -33.35
CA ASP E 32 39.14 7.91 -34.00
C ASP E 32 39.57 6.85 -32.99
N VAL E 33 39.41 7.12 -31.70
CA VAL E 33 39.67 6.15 -30.65
C VAL E 33 38.38 5.37 -30.33
N GLY E 43 40.87 -8.36 -19.58
CA GLY E 43 39.81 -8.64 -20.55
C GLY E 43 38.44 -8.74 -19.91
N THR E 44 38.09 -9.93 -19.49
CA THR E 44 37.12 -10.16 -18.42
C THR E 44 37.17 -9.17 -17.27
N GLU E 45 38.36 -8.79 -16.80
CA GLU E 45 38.38 -7.84 -15.69
C GLU E 45 38.07 -6.43 -16.15
N SER E 46 38.60 -6.02 -17.31
CA SER E 46 38.25 -4.69 -17.78
C SER E 46 36.75 -4.62 -18.07
N GLU E 47 36.15 -5.71 -18.61
CA GLU E 47 34.71 -5.71 -18.86
C GLU E 47 33.88 -5.57 -17.60
N ALA E 48 34.25 -6.27 -16.51
CA ALA E 48 33.58 -6.09 -15.23
C ALA E 48 33.68 -4.64 -14.73
N VAL E 49 34.85 -4.02 -14.88
CA VAL E 49 35.02 -2.65 -14.41
C VAL E 49 34.15 -1.70 -15.24
N LYS E 50 34.24 -1.81 -16.57
CA LYS E 50 33.43 -0.96 -17.44
C LYS E 50 31.95 -1.11 -17.09
N GLN E 51 31.47 -2.35 -16.97
CA GLN E 51 30.06 -2.58 -16.68
C GLN E 51 29.64 -1.99 -15.31
N ALA E 52 30.44 -2.17 -14.26
CA ALA E 52 30.10 -1.57 -12.96
C ALA E 52 30.02 -0.04 -13.09
N LEU E 53 30.92 0.57 -13.86
CA LEU E 53 30.91 2.02 -13.94
C LEU E 53 29.73 2.49 -14.77
N ARG E 54 29.38 1.78 -15.87
CA ARG E 54 28.18 2.17 -16.59
C ARG E 54 26.95 2.09 -15.70
N GLU E 55 26.84 1.00 -14.93
CA GLU E 55 25.67 0.83 -14.06
C GLU E 55 25.63 1.88 -12.95
N ALA E 56 26.77 2.18 -12.33
CA ALA E 56 26.80 3.22 -11.29
C ALA E 56 26.44 4.57 -11.89
N GLY E 57 26.97 4.87 -13.07
CA GLY E 57 26.60 6.10 -13.73
C GLY E 57 25.10 6.18 -14.01
N ASP E 58 24.49 5.07 -14.43
CA ASP E 58 23.04 5.06 -14.66
C ASP E 58 22.28 5.34 -13.37
N GLU E 59 22.73 4.76 -12.30
CA GLU E 59 22.04 4.91 -11.03
C GLU E 59 22.18 6.32 -10.45
N PHE E 60 23.36 6.93 -10.63
CA PHE E 60 23.63 8.29 -10.22
C PHE E 60 22.75 9.27 -10.98
N GLU E 61 22.57 8.99 -12.25
CA GLU E 61 21.89 9.91 -13.13
C GLU E 61 20.39 9.71 -13.03
N LEU E 62 19.95 8.50 -12.63
CA LEU E 62 18.53 8.16 -12.54
C LEU E 62 17.77 9.25 -11.84
N ARG E 63 18.18 9.60 -10.63
CA ARG E 63 17.54 10.64 -9.84
C ARG E 63 18.28 11.99 -9.94
N TYR E 64 18.97 12.28 -11.07
CA TYR E 64 19.57 13.60 -11.26
C TYR E 64 19.59 14.06 -12.72
N ARG E 65 18.64 13.64 -13.56
CA ARG E 65 18.76 13.84 -15.00
C ARG E 65 18.53 15.28 -15.42
N ARG E 66 17.26 15.71 -15.37
CA ARG E 66 16.90 17.00 -15.92
C ARG E 66 17.45 18.12 -15.03
N ALA E 67 17.78 17.82 -13.78
CA ALA E 67 18.40 18.84 -12.94
C ALA E 67 19.93 18.85 -13.03
N PHE E 68 20.57 17.85 -13.62
CA PHE E 68 22.01 17.91 -13.82
C PHE E 68 22.37 18.28 -15.27
N SER E 69 21.36 18.32 -16.14
CA SER E 69 21.37 19.21 -17.31
C SER E 69 21.42 20.66 -16.88
N ASP E 70 20.73 21.02 -15.80
CA ASP E 70 20.75 22.39 -15.27
C ASP E 70 22.13 22.85 -14.90
N LEU E 71 22.84 22.08 -14.06
CA LEU E 71 24.21 22.46 -13.70
C LEU E 71 25.09 22.70 -14.90
N THR E 72 25.08 21.75 -15.86
CA THR E 72 25.93 21.91 -17.02
C THR E 72 25.49 23.11 -17.82
N SER E 73 24.18 23.34 -17.89
CA SER E 73 23.72 24.55 -18.54
C SER E 73 24.24 25.79 -17.83
N GLN E 74 24.33 25.73 -16.50
CA GLN E 74 24.76 26.95 -15.81
C GLN E 74 26.21 27.27 -16.09
N LEU E 75 27.01 26.29 -16.48
CA LEU E 75 28.42 26.49 -16.75
C LEU E 75 28.68 27.11 -18.12
N HIS E 76 27.67 27.16 -18.99
CA HIS E 76 27.75 27.78 -20.33
C HIS E 76 29.01 27.33 -21.07
N ILE E 77 29.07 26.02 -21.25
CA ILE E 77 30.21 25.36 -21.92
C ILE E 77 30.40 25.92 -23.32
N THR E 78 31.62 26.29 -23.65
CA THR E 78 31.97 26.65 -25.02
C THR E 78 33.36 26.08 -25.27
N PRO E 79 33.76 25.90 -26.54
CA PRO E 79 35.13 25.39 -26.74
C PRO E 79 36.19 26.26 -26.08
N GLY E 80 36.03 27.59 -26.07
CA GLY E 80 37.02 28.47 -25.40
C GLY E 80 37.02 28.40 -23.86
N THR E 81 35.92 27.99 -23.23
CA THR E 81 35.83 28.07 -21.76
C THR E 81 35.68 26.70 -21.10
N ALA E 82 35.53 25.62 -21.88
CA ALA E 82 35.17 24.34 -21.29
C ALA E 82 36.27 23.80 -20.39
N TYR E 83 37.53 23.96 -20.80
CA TYR E 83 38.62 23.37 -20.02
C TYR E 83 38.66 23.92 -18.60
N GLN E 84 38.67 25.25 -18.44
CA GLN E 84 38.66 25.81 -17.10
C GLN E 84 37.39 25.46 -16.34
N SER E 85 36.25 25.38 -17.02
CA SER E 85 35.02 25.02 -16.32
C SER E 85 35.13 23.60 -15.79
N PHE E 86 35.58 22.68 -16.65
CA PHE E 86 35.75 21.30 -16.23
C PHE E 86 36.75 21.23 -15.07
N GLU E 87 37.94 21.81 -15.25
CA GLU E 87 39.02 21.62 -14.25
C GLU E 87 38.68 22.26 -12.92
N GLN E 88 38.04 23.44 -12.93
CA GLN E 88 37.72 24.09 -11.65
C GLN E 88 36.69 23.26 -10.90
N VAL E 89 35.67 22.76 -11.61
CA VAL E 89 34.66 21.97 -10.90
C VAL E 89 35.27 20.69 -10.34
N VAL E 90 36.08 20.00 -11.13
CA VAL E 90 36.70 18.74 -10.67
C VAL E 90 37.64 19.00 -9.48
N ASN E 91 38.44 20.06 -9.56
CA ASN E 91 39.32 20.40 -8.43
C ASN E 91 38.49 20.62 -7.16
N GLU E 92 37.35 21.27 -7.29
CA GLU E 92 36.55 21.48 -6.07
C GLU E 92 35.91 20.17 -5.60
N LEU E 93 35.49 19.34 -6.55
CA LEU E 93 34.92 18.05 -6.22
C LEU E 93 35.83 17.24 -5.29
N PHE E 94 37.13 17.24 -5.58
CA PHE E 94 38.10 16.42 -4.86
C PHE E 94 38.96 17.22 -3.91
N ARG E 95 38.57 18.47 -3.63
CA ARG E 95 39.46 19.35 -2.88
C ARG E 95 39.81 18.79 -1.51
N ASP E 96 38.88 18.08 -0.87
CA ASP E 96 39.23 17.55 0.44
C ASP E 96 39.30 16.03 0.46
N GLY E 97 39.42 15.40 -0.69
CA GLY E 97 39.68 13.98 -0.67
C GLY E 97 38.93 13.23 -1.75
N VAL E 98 39.05 11.90 -1.77
CA VAL E 98 38.48 11.06 -2.81
C VAL E 98 37.65 9.99 -2.15
N ASN E 99 36.55 9.60 -2.78
CA ASN E 99 35.88 8.35 -2.45
C ASN E 99 35.23 7.84 -3.73
N TRP E 100 34.75 6.59 -3.68
CA TRP E 100 34.21 6.01 -4.91
C TRP E 100 33.00 6.78 -5.42
N GLY E 101 32.12 7.26 -4.52
CA GLY E 101 30.97 8.04 -5.00
C GLY E 101 31.36 9.30 -5.77
N ARG E 102 32.37 10.04 -5.27
CA ARG E 102 32.85 11.20 -6.01
C ARG E 102 33.44 10.81 -7.35
N ILE E 103 34.11 9.65 -7.43
CA ILE E 103 34.64 9.25 -8.70
C ILE E 103 33.52 8.94 -9.70
N VAL E 104 32.47 8.26 -9.25
CA VAL E 104 31.28 8.09 -10.11
C VAL E 104 30.74 9.44 -10.55
N ALA E 105 30.66 10.39 -9.60
CA ALA E 105 30.14 11.72 -9.93
C ALA E 105 31.03 12.43 -10.97
N PHE E 106 32.34 12.24 -10.88
CA PHE E 106 33.31 12.74 -11.86
C PHE E 106 33.05 12.19 -13.26
N PHE E 107 32.89 10.87 -13.38
CA PHE E 107 32.55 10.30 -14.69
C PHE E 107 31.23 10.86 -15.20
N SER E 108 30.20 10.90 -14.35
CA SER E 108 28.89 11.36 -14.80
C SER E 108 28.94 12.81 -15.25
N PHE E 109 29.70 13.63 -14.51
CA PHE E 109 29.83 15.04 -14.88
C PHE E 109 30.45 15.16 -16.27
N GLY E 110 31.56 14.49 -16.51
CA GLY E 110 32.20 14.59 -17.81
C GLY E 110 31.32 14.05 -18.91
N GLY E 111 30.57 12.98 -18.62
CA GLY E 111 29.52 12.51 -19.55
C GLY E 111 28.49 13.58 -19.87
N ALA E 112 28.00 14.29 -18.84
CA ALA E 112 27.01 15.34 -19.09
C ALA E 112 27.61 16.45 -19.94
N LEU E 113 28.89 16.82 -19.69
CA LEU E 113 29.51 17.84 -20.54
C LEU E 113 29.63 17.40 -22.01
N CYS E 114 30.04 16.16 -22.28
CA CYS E 114 30.04 15.64 -23.66
C CYS E 114 28.67 15.71 -24.33
N VAL E 115 27.62 15.24 -23.65
CA VAL E 115 26.28 15.30 -24.23
C VAL E 115 25.88 16.73 -24.52
N GLU E 116 26.12 17.63 -23.57
CA GLU E 116 25.82 19.05 -23.80
C GLU E 116 26.58 19.57 -25.03
N SER E 117 27.86 19.15 -25.16
CA SER E 117 28.72 19.59 -26.29
C SER E 117 28.10 19.19 -27.61
N VAL E 118 27.63 17.95 -27.72
CA VAL E 118 27.04 17.49 -28.97
C VAL E 118 25.70 18.17 -29.23
N ASP E 119 24.83 18.24 -28.21
CA ASP E 119 23.58 19.01 -28.32
C ASP E 119 23.78 20.40 -28.92
N LYS E 120 24.84 21.10 -28.51
CA LYS E 120 25.12 22.45 -28.96
C LYS E 120 26.01 22.50 -30.19
N GLU E 121 26.12 21.40 -30.93
CA GLU E 121 26.98 21.33 -32.12
C GLU E 121 28.38 21.83 -31.81
N GLN E 123 30.85 19.49 -31.22
CA GLN E 123 31.34 18.12 -31.15
C GLN E 123 32.84 18.01 -30.94
N VAL E 124 33.62 19.00 -31.38
CA VAL E 124 35.07 18.96 -31.17
C VAL E 124 35.40 18.74 -29.69
N LEU E 125 34.49 19.14 -28.81
CA LEU E 125 34.79 19.03 -27.37
C LEU E 125 34.77 17.59 -26.87
N VAL E 126 34.11 16.67 -27.56
CA VAL E 126 33.97 15.32 -26.99
C VAL E 126 35.34 14.69 -26.77
N SER E 127 36.19 14.70 -27.79
CA SER E 127 37.48 14.00 -27.61
C SER E 127 38.39 14.77 -26.65
N ARG E 128 38.21 16.09 -26.56
CA ARG E 128 38.99 16.90 -25.63
C ARG E 128 38.63 16.57 -24.19
N ILE E 129 37.33 16.60 -23.88
CA ILE E 129 36.86 16.23 -22.53
C ILE E 129 37.35 14.84 -22.13
N ALA E 130 37.31 13.88 -23.07
CA ALA E 130 37.80 12.54 -22.78
C ALA E 130 39.27 12.57 -22.40
N ALA E 131 40.06 13.35 -23.15
CA ALA E 131 41.48 13.50 -22.82
C ALA E 131 41.65 14.12 -21.45
N TRP E 132 40.90 15.19 -21.16
CA TRP E 132 41.09 15.84 -19.87
C TRP E 132 40.70 14.92 -18.73
N ALA E 134 40.80 11.55 -18.81
CA ALA E 134 41.79 10.50 -18.66
C ALA E 134 43.05 11.02 -17.96
N THR E 135 43.47 12.24 -18.31
CA THR E 135 44.63 12.86 -17.67
C THR E 135 44.37 13.04 -16.17
N TYR E 136 43.20 13.56 -15.82
CA TYR E 136 42.89 13.73 -14.39
C TYR E 136 42.88 12.39 -13.67
N LEU E 137 42.21 11.40 -14.24
CA LEU E 137 42.17 10.06 -13.63
C LEU E 137 43.57 9.53 -13.40
N ASN E 138 44.43 9.62 -14.41
CA ASN E 138 45.73 8.99 -14.27
C ASN E 138 46.66 9.78 -13.38
N ASP E 139 46.58 11.11 -13.43
CA ASP E 139 47.49 11.91 -12.61
C ASP E 139 47.00 12.09 -11.18
N HIS E 140 45.69 12.25 -10.97
CA HIS E 140 45.22 12.64 -9.63
C HIS E 140 44.33 11.66 -8.90
N LEU E 141 43.71 10.73 -9.57
CA LEU E 141 42.90 9.71 -8.88
C LEU E 141 43.56 8.35 -8.81
N GLU E 142 44.38 7.97 -9.80
CA GLU E 142 44.97 6.63 -9.74
C GLU E 142 45.78 6.34 -8.47
N PRO E 143 46.53 7.27 -7.88
CA PRO E 143 47.19 6.95 -6.59
C PRO E 143 46.22 6.51 -5.50
N TRP E 144 45.12 7.25 -5.34
CA TRP E 144 44.12 6.85 -4.36
C TRP E 144 43.49 5.50 -4.73
N ILE E 145 43.14 5.35 -6.01
CA ILE E 145 42.50 4.11 -6.47
C ILE E 145 43.37 2.92 -6.14
N GLN E 146 44.67 3.03 -6.44
CA GLN E 146 45.56 1.91 -6.17
C GLN E 146 45.71 1.68 -4.66
N GLU E 147 45.73 2.73 -3.85
CA GLU E 147 45.82 2.47 -2.41
C GLU E 147 44.52 1.94 -1.80
N ASN E 148 43.43 1.96 -2.56
CA ASN E 148 42.15 1.46 -2.10
C ASN E 148 41.80 0.13 -2.78
N GLY E 149 42.79 -0.55 -3.29
CA GLY E 149 42.64 -1.88 -3.81
C GLY E 149 42.36 -1.95 -5.30
N GLY E 150 42.46 -0.84 -6.01
CA GLY E 150 42.22 -0.91 -7.44
C GLY E 150 40.75 -0.90 -7.80
N TRP E 151 40.48 -0.87 -9.11
CA TRP E 151 39.12 -0.81 -9.60
C TRP E 151 38.31 -2.04 -9.19
N ASP E 152 38.98 -3.16 -8.89
CA ASP E 152 38.20 -4.32 -8.46
C ASP E 152 37.46 -4.02 -7.16
N THR E 153 38.00 -3.12 -6.32
CA THR E 153 37.26 -2.70 -5.13
C THR E 153 35.95 -2.07 -5.52
N PHE E 154 35.99 -1.25 -6.55
CA PHE E 154 34.77 -0.60 -7.02
C PHE E 154 33.77 -1.64 -7.55
N VAL E 155 34.25 -2.63 -8.30
CA VAL E 155 33.35 -3.68 -8.81
C VAL E 155 32.66 -4.40 -7.65
N GLU E 156 33.41 -4.68 -6.59
CA GLU E 156 32.81 -5.37 -5.44
C GLU E 156 31.80 -4.49 -4.73
N LEU E 157 32.12 -3.20 -4.59
CA LEU E 157 31.29 -2.30 -3.80
C LEU E 157 29.99 -2.02 -4.53
N TYR E 158 30.09 -1.75 -5.82
CA TYR E 158 28.89 -1.54 -6.57
C TYR E 158 28.07 -2.82 -6.64
N GLY E 159 28.68 -3.87 -7.19
CA GLY E 159 27.97 -5.09 -7.52
C GLY E 159 27.34 -5.05 -8.91
N GLN F 6 -22.32 -44.17 20.98
CA GLN F 6 -23.02 -43.12 21.73
C GLN F 6 -23.99 -42.15 21.06
N SER F 7 -24.32 -41.13 21.89
CA SER F 7 -25.44 -40.26 21.61
C SER F 7 -25.23 -39.48 20.31
N ASN F 8 -24.07 -38.85 20.09
CA ASN F 8 -23.90 -38.15 18.80
C ASN F 8 -23.97 -39.12 17.62
N ARG F 9 -23.29 -40.25 17.75
CA ARG F 9 -23.46 -41.33 16.76
C ARG F 9 -24.93 -41.74 16.55
N GLU F 10 -25.69 -41.93 17.65
CA GLU F 10 -27.11 -42.29 17.50
C GLU F 10 -27.85 -41.21 16.76
N LEU F 11 -27.51 -39.96 17.01
CA LEU F 11 -28.23 -38.88 16.36
C LEU F 11 -27.93 -38.84 14.86
N VAL F 12 -26.69 -39.12 14.50
CA VAL F 12 -26.30 -39.14 13.08
C VAL F 12 -27.06 -40.27 12.36
N VAL F 13 -27.07 -41.45 12.98
CA VAL F 13 -27.75 -42.60 12.38
C VAL F 13 -29.24 -42.33 12.18
N ASP F 14 -29.89 -41.74 13.19
CA ASP F 14 -31.32 -41.47 13.08
C ASP F 14 -31.62 -40.48 11.97
N PHE F 15 -30.85 -39.40 11.91
CA PHE F 15 -31.04 -38.39 10.87
C PHE F 15 -30.79 -38.95 9.48
N LEU F 16 -29.66 -39.63 9.30
CA LEU F 16 -29.39 -40.20 7.98
C LEU F 16 -30.46 -41.23 7.60
N SER F 17 -30.89 -42.07 8.55
CA SER F 17 -31.87 -43.09 8.24
C SER F 17 -33.16 -42.45 7.73
N TYR F 18 -33.54 -41.33 8.33
CA TYR F 18 -34.72 -40.56 7.95
C TYR F 18 -34.54 -39.96 6.56
N LYS F 19 -33.46 -39.21 6.36
CA LYS F 19 -33.28 -38.56 5.05
C LYS F 19 -33.13 -39.56 3.91
N LEU F 20 -32.40 -40.66 4.13
CA LEU F 20 -32.30 -41.68 3.12
C LEU F 20 -33.69 -42.25 2.81
N SER F 21 -34.49 -42.50 3.84
CA SER F 21 -35.85 -43.02 3.65
C SER F 21 -36.72 -42.05 2.82
N GLN F 22 -36.61 -40.74 3.07
CA GLN F 22 -37.35 -39.75 2.30
C GLN F 22 -36.97 -39.78 0.83
N LYS F 23 -35.73 -40.18 0.52
CA LYS F 23 -35.27 -40.18 -0.86
C LYS F 23 -35.42 -41.56 -1.51
N GLY F 24 -36.06 -42.50 -0.83
CA GLY F 24 -36.38 -43.78 -1.44
C GLY F 24 -35.51 -44.95 -1.01
N TYR F 25 -34.65 -44.77 -0.03
CA TYR F 25 -33.69 -45.81 0.38
C TYR F 25 -33.88 -46.26 1.83
N SER F 26 -33.53 -47.51 2.13
CA SER F 26 -33.62 -48.01 3.51
C SER F 26 -32.22 -48.08 4.10
N TRP F 27 -32.04 -47.45 5.26
CA TRP F 27 -30.77 -47.49 5.99
C TRP F 27 -30.25 -48.92 6.18
N SER F 28 -31.16 -49.88 6.42
CA SER F 28 -30.76 -51.27 6.61
C SER F 28 -30.00 -51.83 5.41
N GLN F 29 -30.22 -51.27 4.22
CA GLN F 29 -29.46 -51.62 3.02
C GLN F 29 -27.98 -51.32 3.19
N PHE F 30 -27.64 -50.27 3.96
CA PHE F 30 -26.27 -49.74 4.00
C PHE F 30 -25.54 -49.96 5.32
N SER F 31 -26.23 -50.35 6.40
CA SER F 31 -25.59 -50.42 7.71
C SER F 31 -26.34 -51.42 8.58
N ASP F 32 -25.62 -52.00 9.54
CA ASP F 32 -26.21 -52.87 10.53
C ASP F 32 -26.44 -52.17 11.85
N VAL F 33 -26.10 -50.88 11.96
CA VAL F 33 -26.25 -50.15 13.20
C VAL F 33 -27.74 -49.91 13.46
N GLU F 34 -28.11 -49.95 14.75
CA GLU F 34 -29.48 -49.89 15.29
C GLU F 34 -30.46 -50.72 14.46
N THR F 44 -36.80 -41.13 25.25
CA THR F 44 -37.57 -39.95 25.65
C THR F 44 -36.87 -38.63 25.38
N GLU F 45 -35.81 -38.30 26.13
CA GLU F 45 -35.04 -37.13 25.76
C GLU F 45 -34.38 -37.33 24.41
N SER F 46 -33.75 -38.50 24.21
CA SER F 46 -33.12 -38.77 22.92
C SER F 46 -34.15 -38.70 21.80
N GLU F 47 -35.35 -39.23 22.03
CA GLU F 47 -36.35 -39.17 20.97
C GLU F 47 -36.75 -37.73 20.66
N ALA F 48 -36.86 -36.88 21.68
CA ALA F 48 -37.16 -35.46 21.43
C ALA F 48 -36.07 -34.77 20.62
N VAL F 49 -34.78 -35.03 20.93
CA VAL F 49 -33.69 -34.44 20.14
C VAL F 49 -33.73 -34.95 18.69
N LYS F 50 -33.86 -36.27 18.50
CA LYS F 50 -33.95 -36.83 17.14
C LYS F 50 -35.08 -36.20 16.36
N GLN F 51 -36.27 -36.12 16.97
CA GLN F 51 -37.43 -35.53 16.30
C GLN F 51 -37.22 -34.06 15.95
N ALA F 52 -36.67 -33.27 16.87
CA ALA F 52 -36.47 -31.86 16.56
C ALA F 52 -35.48 -31.71 15.42
N LEU F 53 -34.44 -32.56 15.41
CA LEU F 53 -33.43 -32.44 14.37
C LEU F 53 -33.99 -32.88 13.02
N ARG F 54 -34.82 -33.92 13.01
CA ARG F 54 -35.49 -34.33 11.79
C ARG F 54 -36.34 -33.19 11.22
N GLU F 55 -37.17 -32.57 12.07
CA GLU F 55 -38.01 -31.45 11.65
C GLU F 55 -37.19 -30.26 11.19
N ALA F 56 -36.12 -29.94 11.92
CA ALA F 56 -35.30 -28.81 11.49
C ALA F 56 -34.60 -29.07 10.15
N GLY F 57 -34.12 -30.31 9.94
CA GLY F 57 -33.52 -30.65 8.65
C GLY F 57 -34.53 -30.59 7.49
N ASP F 58 -35.77 -31.00 7.73
CA ASP F 58 -36.84 -30.84 6.74
C ASP F 58 -37.06 -29.36 6.40
N GLU F 59 -37.13 -28.52 7.41
CA GLU F 59 -37.32 -27.08 7.18
C GLU F 59 -36.10 -26.49 6.51
N PHE F 60 -34.89 -26.91 6.92
CA PHE F 60 -33.66 -26.42 6.30
C PHE F 60 -33.63 -26.78 4.82
N GLU F 61 -33.99 -28.01 4.50
CA GLU F 61 -33.93 -28.45 3.12
C GLU F 61 -34.98 -27.81 2.26
N LEU F 62 -36.17 -27.54 2.80
CA LEU F 62 -37.16 -26.74 2.08
C LEU F 62 -36.61 -25.34 1.76
N ARG F 63 -36.08 -24.65 2.76
CA ARG F 63 -35.52 -23.32 2.52
C ARG F 63 -34.42 -23.37 1.47
N TYR F 64 -33.52 -24.35 1.59
CA TYR F 64 -32.42 -24.45 0.65
C TYR F 64 -32.95 -24.64 -0.78
N ARG F 65 -33.89 -25.57 -0.95
CA ARG F 65 -34.45 -25.82 -2.28
C ARG F 65 -35.09 -24.55 -2.85
N ARG F 66 -35.89 -23.84 -2.04
CA ARG F 66 -36.54 -22.63 -2.56
C ARG F 66 -35.51 -21.59 -2.99
N ALA F 67 -34.41 -21.47 -2.29
CA ALA F 67 -33.41 -20.43 -2.61
C ALA F 67 -32.48 -20.86 -3.73
N PHE F 68 -32.01 -22.10 -3.70
CA PHE F 68 -30.86 -22.55 -4.49
C PHE F 68 -31.08 -23.86 -5.28
N SER F 69 -32.30 -24.43 -5.28
CA SER F 69 -32.60 -25.76 -5.86
C SER F 69 -32.10 -26.87 -4.97
N ASP F 70 -32.54 -28.10 -5.23
CA ASP F 70 -32.35 -29.19 -4.27
C ASP F 70 -30.87 -29.43 -3.89
N LEU F 71 -30.59 -29.55 -2.59
CA LEU F 71 -29.22 -29.66 -2.10
C LEU F 71 -28.47 -30.82 -2.78
N THR F 72 -29.08 -32.01 -2.75
CA THR F 72 -28.41 -33.20 -3.26
C THR F 72 -27.98 -32.99 -4.68
N SER F 73 -28.86 -32.37 -5.43
CA SER F 73 -28.57 -32.14 -6.82
C SER F 73 -27.44 -31.16 -7.04
N GLN F 74 -26.91 -30.43 -6.04
CA GLN F 74 -25.74 -29.63 -6.46
C GLN F 74 -24.40 -30.04 -5.85
N LEU F 75 -24.34 -31.19 -5.19
CA LEU F 75 -23.10 -31.79 -4.76
C LEU F 75 -22.49 -32.62 -5.90
N HIS F 76 -21.21 -33.04 -5.74
CA HIS F 76 -20.56 -33.97 -6.69
C HIS F 76 -19.46 -34.70 -5.92
N ILE F 77 -19.34 -36.01 -6.16
CA ILE F 77 -18.58 -36.86 -5.26
C ILE F 77 -17.97 -38.04 -6.04
N THR F 78 -16.75 -38.41 -5.68
CA THR F 78 -16.07 -39.66 -6.02
C THR F 78 -15.52 -40.34 -4.78
N PRO F 79 -15.46 -41.69 -4.75
CA PRO F 79 -14.86 -42.34 -3.57
C PRO F 79 -13.51 -41.76 -3.20
N GLY F 80 -12.72 -41.38 -4.21
CA GLY F 80 -11.47 -40.66 -4.01
C GLY F 80 -11.63 -39.22 -3.60
N THR F 81 -12.79 -38.59 -3.93
CA THR F 81 -13.04 -37.21 -3.48
C THR F 81 -14.08 -37.06 -2.37
N ALA F 82 -14.83 -38.13 -2.04
CA ALA F 82 -15.89 -38.06 -1.03
C ALA F 82 -15.42 -37.47 0.29
N TYR F 83 -14.33 -38.01 0.82
CA TYR F 83 -13.75 -37.47 2.04
C TYR F 83 -13.36 -35.99 1.89
N GLN F 84 -12.74 -35.64 0.77
CA GLN F 84 -12.30 -34.26 0.68
C GLN F 84 -13.51 -33.35 0.57
N SER F 85 -14.54 -33.82 -0.16
CA SER F 85 -15.78 -33.05 -0.32
C SER F 85 -16.41 -32.76 1.03
N PHE F 86 -16.51 -33.78 1.88
CA PHE F 86 -17.04 -33.60 3.22
C PHE F 86 -16.21 -32.59 4.01
N GLU F 87 -14.91 -32.87 4.12
CA GLU F 87 -14.09 -32.06 5.01
C GLU F 87 -13.98 -30.61 4.55
N GLN F 88 -13.91 -30.37 3.24
CA GLN F 88 -13.69 -28.97 2.81
C GLN F 88 -14.94 -28.14 3.04
N VAL F 89 -16.11 -28.71 2.74
CA VAL F 89 -17.36 -27.99 2.98
C VAL F 89 -17.58 -27.74 4.47
N VAL F 90 -17.43 -28.81 5.29
CA VAL F 90 -17.65 -28.65 6.73
C VAL F 90 -16.66 -27.64 7.32
N ASN F 91 -15.38 -27.72 6.94
CA ASN F 91 -14.42 -26.76 7.50
C ASN F 91 -14.78 -25.33 7.12
N GLU F 92 -15.25 -25.12 5.88
CA GLU F 92 -15.68 -23.80 5.46
C GLU F 92 -16.96 -23.36 6.16
N LEU F 93 -17.93 -24.28 6.34
CA LEU F 93 -19.17 -23.94 7.05
C LEU F 93 -18.91 -23.38 8.44
N PHE F 94 -17.99 -24.00 9.18
CA PHE F 94 -17.75 -23.60 10.56
C PHE F 94 -16.50 -22.73 10.71
N ARG F 95 -15.97 -22.21 9.60
CA ARG F 95 -14.73 -21.46 9.63
C ARG F 95 -14.74 -20.34 10.68
N ASP F 96 -15.79 -19.53 10.74
CA ASP F 96 -15.74 -18.37 11.64
C ASP F 96 -16.65 -18.52 12.84
N GLY F 97 -17.28 -19.67 13.02
CA GLY F 97 -18.01 -19.91 14.24
C GLY F 97 -19.12 -20.92 14.02
N VAL F 98 -19.92 -21.08 15.06
CA VAL F 98 -20.91 -22.15 15.16
C VAL F 98 -22.21 -21.52 15.63
N ASN F 99 -23.34 -21.95 15.06
CA ASN F 99 -24.65 -21.68 15.64
C ASN F 99 -25.52 -22.88 15.30
N TRP F 100 -26.72 -22.95 15.94
CA TRP F 100 -27.56 -24.13 15.76
C TRP F 100 -27.98 -24.29 14.30
N GLY F 101 -28.17 -23.17 13.57
CA GLY F 101 -28.57 -23.25 12.17
C GLY F 101 -27.50 -23.92 11.31
N ARG F 102 -26.24 -23.60 11.55
CA ARG F 102 -25.13 -24.24 10.84
C ARG F 102 -24.99 -25.70 11.23
N ILE F 103 -25.29 -26.05 12.48
CA ILE F 103 -25.27 -27.47 12.84
C ILE F 103 -26.35 -28.23 12.07
N VAL F 104 -27.55 -27.66 11.98
CA VAL F 104 -28.60 -28.28 11.15
C VAL F 104 -28.10 -28.39 9.70
N ALA F 105 -27.44 -27.34 9.22
CA ALA F 105 -26.88 -27.35 7.85
C ALA F 105 -25.89 -28.49 7.67
N PHE F 106 -25.08 -28.75 8.68
CA PHE F 106 -24.12 -29.85 8.66
C PHE F 106 -24.83 -31.20 8.58
N PHE F 107 -25.89 -31.42 9.36
CA PHE F 107 -26.63 -32.68 9.21
C PHE F 107 -27.23 -32.80 7.82
N SER F 108 -27.93 -31.75 7.37
CA SER F 108 -28.56 -31.78 6.06
C SER F 108 -27.55 -32.02 4.95
N PHE F 109 -26.39 -31.39 5.04
CA PHE F 109 -25.33 -31.63 4.08
C PHE F 109 -24.88 -33.09 4.11
N GLY F 110 -24.65 -33.64 5.30
CA GLY F 110 -24.28 -35.06 5.38
C GLY F 110 -25.33 -35.98 4.80
N GLY F 111 -26.61 -35.71 5.05
CA GLY F 111 -27.66 -36.54 4.48
C GLY F 111 -27.70 -36.46 2.97
N ALA F 112 -27.49 -35.26 2.42
CA ALA F 112 -27.48 -35.11 0.97
C ALA F 112 -26.29 -35.82 0.35
N LEU F 113 -25.14 -35.76 1.02
CA LEU F 113 -23.97 -36.48 0.56
C LEU F 113 -24.20 -37.99 0.53
N CYS F 114 -24.90 -38.53 1.54
CA CYS F 114 -25.22 -39.96 1.54
C CYS F 114 -26.14 -40.30 0.38
N VAL F 115 -27.21 -39.53 0.20
CA VAL F 115 -28.16 -39.79 -0.91
C VAL F 115 -27.42 -39.77 -2.26
N GLU F 116 -26.61 -38.73 -2.48
CA GLU F 116 -25.86 -38.60 -3.73
C GLU F 116 -24.93 -39.81 -3.93
N SER F 117 -24.28 -40.27 -2.85
CA SER F 117 -23.43 -41.45 -2.95
C SER F 117 -24.22 -42.68 -3.38
N VAL F 118 -25.37 -42.93 -2.74
CA VAL F 118 -26.17 -44.10 -3.13
C VAL F 118 -26.66 -43.95 -4.57
N ASP F 119 -27.10 -42.74 -4.94
CA ASP F 119 -27.57 -42.51 -6.31
C ASP F 119 -26.50 -42.83 -7.34
N LYS F 120 -25.23 -42.69 -6.98
CA LYS F 120 -24.12 -42.92 -7.91
C LYS F 120 -23.49 -44.31 -7.70
N GLU F 121 -24.21 -45.21 -7.03
CA GLU F 121 -23.74 -46.57 -6.76
C GLU F 121 -22.45 -46.58 -5.95
N GLN F 123 -22.69 -46.81 -2.49
CA GLN F 123 -23.34 -47.16 -1.21
C GLN F 123 -22.35 -47.34 -0.06
N VAL F 124 -21.18 -47.90 -0.35
CA VAL F 124 -20.18 -48.15 0.67
C VAL F 124 -19.88 -46.85 1.43
N LEU F 125 -20.08 -45.69 0.78
CA LEU F 125 -19.80 -44.42 1.45
C LEU F 125 -20.78 -44.02 2.56
N VAL F 126 -22.00 -44.58 2.62
CA VAL F 126 -22.97 -44.07 3.60
C VAL F 126 -22.44 -44.28 5.02
N SER F 127 -22.02 -45.50 5.34
CA SER F 127 -21.62 -45.75 6.72
C SER F 127 -20.32 -45.00 7.05
N ARG F 128 -19.50 -44.73 6.04
CA ARG F 128 -18.29 -43.93 6.19
C ARG F 128 -18.57 -42.45 6.51
N ILE F 129 -19.41 -41.80 5.70
CA ILE F 129 -19.85 -40.44 6.00
C ILE F 129 -20.45 -40.36 7.40
N ALA F 130 -21.33 -41.30 7.73
CA ALA F 130 -21.88 -41.35 9.08
C ALA F 130 -20.79 -41.31 10.14
N ALA F 131 -19.71 -42.09 9.94
CA ALA F 131 -18.63 -42.08 10.92
C ALA F 131 -17.91 -40.73 10.92
N TRP F 132 -17.66 -40.17 9.73
CA TRP F 132 -17.00 -38.86 9.63
C TRP F 132 -17.81 -37.78 10.35
N ALA F 134 -20.02 -38.27 12.84
CA ALA F 134 -19.98 -38.45 14.29
C ALA F 134 -18.66 -37.97 14.85
N THR F 135 -17.56 -38.27 14.15
CA THR F 135 -16.26 -37.84 14.63
C THR F 135 -16.16 -36.32 14.70
N TYR F 136 -16.64 -35.64 13.64
CA TYR F 136 -16.60 -34.18 13.65
C TYR F 136 -17.47 -33.59 14.75
N LEU F 137 -18.68 -34.14 14.95
CA LEU F 137 -19.53 -33.72 16.06
C LEU F 137 -18.83 -33.89 17.38
N ASN F 138 -18.27 -35.10 17.62
CA ASN F 138 -17.65 -35.38 18.92
C ASN F 138 -16.41 -34.51 19.16
N ASP F 139 -15.58 -34.31 18.13
CA ASP F 139 -14.28 -33.66 18.26
C ASP F 139 -14.33 -32.15 18.15
N HIS F 140 -15.23 -31.60 17.34
CA HIS F 140 -15.22 -30.17 17.01
C HIS F 140 -16.48 -29.43 17.38
N LEU F 141 -17.61 -30.11 17.52
CA LEU F 141 -18.84 -29.36 17.81
C LEU F 141 -19.34 -29.61 19.24
N GLU F 142 -19.04 -30.76 19.83
CA GLU F 142 -19.52 -31.02 21.20
C GLU F 142 -19.12 -29.95 22.23
N PRO F 143 -17.94 -29.33 22.18
CA PRO F 143 -17.66 -28.24 23.16
C PRO F 143 -18.68 -27.10 23.08
N TRP F 144 -18.97 -26.62 21.85
CA TRP F 144 -19.95 -25.56 21.65
C TRP F 144 -21.35 -26.02 22.06
N ILE F 145 -21.72 -27.23 21.64
CA ILE F 145 -23.04 -27.77 21.98
C ILE F 145 -23.25 -27.76 23.48
N GLN F 146 -22.28 -28.30 24.25
CA GLN F 146 -22.46 -28.39 25.69
C GLN F 146 -22.42 -27.00 26.31
N GLU F 147 -21.58 -26.12 25.77
CA GLU F 147 -21.50 -24.75 26.31
C GLU F 147 -22.83 -24.03 26.14
N ASN F 148 -23.57 -24.37 25.07
CA ASN F 148 -24.79 -23.66 24.72
C ASN F 148 -26.04 -24.38 25.18
N GLY F 149 -25.90 -25.19 26.23
CA GLY F 149 -27.01 -25.82 26.88
C GLY F 149 -27.31 -27.23 26.44
N GLY F 150 -26.50 -27.80 25.56
CA GLY F 150 -26.71 -29.17 25.12
C GLY F 150 -27.85 -29.24 24.15
N TRP F 151 -28.10 -30.47 23.66
CA TRP F 151 -29.16 -30.66 22.65
C TRP F 151 -30.55 -30.35 23.18
N ASP F 152 -30.77 -30.37 24.49
CA ASP F 152 -32.07 -29.96 25.00
C ASP F 152 -32.38 -28.50 24.69
N THR F 153 -31.37 -27.64 24.75
CA THR F 153 -31.59 -26.26 24.34
C THR F 153 -31.94 -26.17 22.84
N PHE F 154 -31.31 -26.98 22.00
CA PHE F 154 -31.73 -27.04 20.59
C PHE F 154 -33.21 -27.39 20.47
N VAL F 155 -33.66 -28.43 21.19
CA VAL F 155 -35.07 -28.78 21.18
C VAL F 155 -35.94 -27.60 21.59
N GLU F 156 -35.57 -26.92 22.68
CA GLU F 156 -36.33 -25.77 23.15
C GLU F 156 -36.48 -24.73 22.04
N LEU F 157 -35.40 -24.45 21.30
CA LEU F 157 -35.36 -23.38 20.30
C LEU F 157 -36.00 -23.75 18.97
N TYR F 158 -35.80 -24.99 18.53
CA TYR F 158 -36.16 -25.48 17.21
C TYR F 158 -37.29 -26.49 17.19
N GLY F 159 -37.57 -27.14 18.30
CA GLY F 159 -38.63 -28.15 18.30
C GLY F 159 -39.99 -27.54 18.07
N ASN F 160 -40.88 -28.35 17.47
CA ASN F 160 -42.25 -27.98 17.13
C ASN F 160 -43.18 -28.13 18.34
#